data_6O42
#
_entry.id   6O42
#
_cell.length_a   208.360
_cell.length_b   37.920
_cell.length_c   133.520
_cell.angle_alpha   90.00
_cell.angle_beta   93.68
_cell.angle_gamma   90.00
#
_symmetry.space_group_name_H-M   'C 1 2 1'
#
loop_
_entity.id
_entity.type
_entity.pdbx_description
1 polymer 'PGZL1_gVmDmJ light chain'
2 polymer 'PGZL1_gVmDmJ heavy chain'
3 polymer 'MPER peptide, region 671-683 of HIV-1 gp41'
4 non-polymer GLYCEROL
5 non-polymer 'SULFATE ION'
6 water water
#
loop_
_entity_poly.entity_id
_entity_poly.type
_entity_poly.pdbx_seq_one_letter_code
_entity_poly.pdbx_strand_id
1 'polypeptide(L)'
;EIVLTQSPGTLSLSPGERATLSCRASQSVSSSYLAWYQQKPGQAPRLLIYGASSRATGIPDRFSGSGSGTDFTLTISRLE
PEDFAVYYCQQYGTSQSTFGQGTRLEIKRTVAAPSVFIFPPSDEQLKSGTASVVCLLNNFYPREAKVQWKVDNALQSGNS
QESVTEQDSKDSTYSLSSTLTLSKADYEKHKVYACEVTHQGLSSPVTKSFNRGEC
;
L,A
2 'polypeptide(L)'
;QVQLVQSGAEVKKPGSSVKVSCKASGGTFSSYAISWVRQAPGQGLEWMGGIIPIFGTANYAQKFQGRVTITADKSTSTAY
MELSSLRSEDTAVYYCAREGEGWFGKPLRAFEFWGQGTVITVSSASTKGPSVFPLAPSSKSTSGGTAALGCLVKDYFPEP
VTVSWNSGALTSGVHTFPAVLQSSGLYSLSSVVTVPSSSLGTQTYICNVNHKPSNTKVDKKVEPKSC
;
H,B
3 'polypeptide(L)' NWFDITNWLWYIKKKK G,I
#
# COMPACT_ATOMS: atom_id res chain seq x y z
N GLU A 1 19.98 -9.56 -9.77
CA GLU A 1 20.61 -8.78 -8.72
C GLU A 1 19.56 -8.06 -7.87
N ILE A 2 18.89 -7.08 -8.48
CA ILE A 2 17.84 -6.30 -7.83
C ILE A 2 16.57 -6.46 -8.64
N VAL A 3 15.49 -6.88 -7.98
CA VAL A 3 14.19 -7.08 -8.62
C VAL A 3 13.27 -5.96 -8.18
N LEU A 4 12.79 -5.18 -9.13
CA LEU A 4 11.89 -4.07 -8.86
C LEU A 4 10.45 -4.53 -9.05
N THR A 5 9.59 -4.17 -8.09
CA THR A 5 8.18 -4.52 -8.11
C THR A 5 7.38 -3.22 -8.04
N GLN A 6 6.54 -3.00 -9.04
CA GLN A 6 5.75 -1.77 -9.14
C GLN A 6 4.32 -2.04 -8.70
N SER A 7 3.71 -1.04 -8.06
CA SER A 7 2.37 -1.20 -7.50
C SER A 7 1.60 0.11 -7.61
N PRO A 8 0.31 0.06 -7.97
CA PRO A 8 -0.40 -1.16 -8.34
C PRO A 8 -0.17 -1.53 -9.80
N GLY A 9 -0.80 -2.62 -10.26
CA GLY A 9 -0.69 -3.03 -11.64
C GLY A 9 -1.39 -2.06 -12.57
N THR A 10 -2.69 -1.86 -12.34
CA THR A 10 -3.49 -0.91 -13.10
C THR A 10 -4.12 0.08 -12.12
N LEU A 11 -4.18 1.35 -12.53
CA LEU A 11 -4.73 2.41 -11.68
C LEU A 11 -5.71 3.23 -12.50
N SER A 12 -6.95 3.32 -12.02
CA SER A 12 -8.03 4.05 -12.68
C SER A 12 -8.28 5.34 -11.90
N LEU A 13 -7.92 6.47 -12.48
CA LEU A 13 -8.11 7.76 -11.84
C LEU A 13 -8.70 8.75 -12.84
N SER A 14 -9.38 9.76 -12.30
CA SER A 14 -10.01 10.81 -13.08
C SER A 14 -9.08 12.01 -13.20
N PRO A 15 -9.26 12.83 -14.25
CA PRO A 15 -8.43 14.04 -14.38
C PRO A 15 -8.69 15.01 -13.23
N GLY A 16 -7.60 15.46 -12.60
CA GLY A 16 -7.67 16.29 -11.43
C GLY A 16 -7.38 15.57 -10.13
N GLU A 17 -7.47 14.24 -10.13
CA GLU A 17 -7.24 13.44 -8.93
C GLU A 17 -5.73 13.30 -8.68
N ARG A 18 -5.40 12.70 -7.53
CA ARG A 18 -4.02 12.55 -7.10
C ARG A 18 -3.56 11.11 -7.36
N ALA A 19 -2.35 10.97 -7.90
CA ALA A 19 -1.81 9.67 -8.28
C ALA A 19 -0.56 9.37 -7.48
N THR A 20 -0.43 8.12 -7.04
CA THR A 20 0.74 7.67 -6.28
C THR A 20 1.11 6.26 -6.75
N LEU A 21 2.33 6.12 -7.26
CA LEU A 21 2.84 4.84 -7.71
C LEU A 21 4.03 4.45 -6.84
N SER A 22 4.08 3.19 -6.42
CA SER A 22 5.13 2.68 -5.56
C SER A 22 6.04 1.75 -6.34
N CYS A 23 7.33 1.78 -6.02
CA CYS A 23 8.33 0.90 -6.63
C CYS A 23 9.19 0.38 -5.49
N ARG A 24 9.03 -0.91 -5.16
CA ARG A 24 9.83 -1.52 -4.12
C ARG A 24 10.97 -2.34 -4.72
N ALA A 25 12.11 -2.32 -4.03
CA ALA A 25 13.30 -3.03 -4.48
C ALA A 25 13.60 -4.16 -3.52
N SER A 26 14.07 -5.29 -4.08
CA SER A 26 14.46 -6.43 -3.25
C SER A 26 15.65 -6.11 -2.35
N GLN A 27 16.50 -5.15 -2.73
CA GLN A 27 17.62 -4.75 -1.91
C GLN A 27 17.76 -3.23 -1.97
N SER A 28 18.69 -2.71 -1.18
CA SER A 28 18.89 -1.27 -1.12
C SER A 28 19.54 -0.77 -2.41
N VAL A 29 19.04 0.34 -2.92
CA VAL A 29 19.59 0.96 -4.13
C VAL A 29 20.59 2.04 -3.71
N SER A 30 21.81 1.93 -4.25
CA SER A 30 22.89 2.82 -3.83
C SER A 30 22.65 4.24 -4.31
N SER A 31 22.76 5.19 -3.38
CA SER A 31 22.74 6.63 -3.69
C SER A 31 21.44 7.06 -4.35
N SER A 32 20.33 6.40 -4.00
CA SER A 32 19.00 6.74 -4.52
C SER A 32 18.94 6.67 -6.05
N TYR A 33 19.72 5.77 -6.65
CA TYR A 33 19.83 5.69 -8.10
C TYR A 33 18.57 5.10 -8.73
N LEU A 34 17.46 5.81 -8.61
CA LEU A 34 16.16 5.36 -9.11
C LEU A 34 15.62 6.40 -10.07
N ALA A 35 15.04 5.94 -11.17
CA ALA A 35 14.49 6.82 -12.20
C ALA A 35 13.08 6.37 -12.57
N TRP A 36 12.23 7.34 -12.87
CA TRP A 36 10.86 7.09 -13.32
C TRP A 36 10.72 7.57 -14.75
N TYR A 37 10.16 6.70 -15.60
CA TYR A 37 9.90 6.96 -17.00
C TYR A 37 8.42 6.81 -17.30
N GLN A 38 7.95 7.58 -18.29
CA GLN A 38 6.59 7.47 -18.81
C GLN A 38 6.65 7.01 -20.25
N GLN A 39 5.73 6.12 -20.63
CA GLN A 39 5.65 5.62 -22.00
C GLN A 39 4.20 5.61 -22.43
N LYS A 40 3.92 6.21 -23.58
CA LYS A 40 2.61 6.20 -24.19
C LYS A 40 2.58 5.19 -25.33
N PRO A 41 1.40 4.71 -25.72
CA PRO A 41 1.32 3.68 -26.77
C PRO A 41 1.93 4.15 -28.09
N GLY A 42 2.78 3.30 -28.67
CA GLY A 42 3.42 3.59 -29.92
C GLY A 42 4.67 4.45 -29.85
N GLN A 43 4.97 5.01 -28.68
CA GLN A 43 6.10 5.92 -28.53
C GLN A 43 7.16 5.30 -27.65
N ALA A 44 8.30 5.99 -27.58
CA ALA A 44 9.40 5.56 -26.75
C ALA A 44 9.23 6.06 -25.32
N PRO A 45 9.84 5.38 -24.34
CA PRO A 45 9.78 5.86 -22.97
C PRO A 45 10.38 7.25 -22.84
N ARG A 46 9.72 8.09 -22.05
CA ARG A 46 10.15 9.46 -21.80
C ARG A 46 10.55 9.61 -20.34
N LEU A 47 11.74 10.14 -20.11
CA LEU A 47 12.25 10.28 -18.75
C LEU A 47 11.46 11.33 -17.98
N LEU A 48 11.13 11.01 -16.73
CA LEU A 48 10.46 11.94 -15.84
C LEU A 48 11.34 12.34 -14.67
N ILE A 49 11.77 11.36 -13.86
CA ILE A 49 12.54 11.63 -12.64
C ILE A 49 13.83 10.83 -12.70
N TYR A 50 14.93 11.45 -12.26
CA TYR A 50 16.18 10.74 -12.07
C TYR A 50 16.69 11.05 -10.66
N GLY A 51 17.52 10.16 -10.14
CA GLY A 51 18.02 10.33 -8.78
C GLY A 51 16.94 10.28 -7.73
N ALA A 52 15.92 9.44 -7.94
CA ALA A 52 14.80 9.20 -7.02
C ALA A 52 13.88 10.41 -6.87
N SER A 53 14.42 11.62 -6.88
CA SER A 53 13.59 12.81 -6.64
C SER A 53 13.87 13.98 -7.55
N SER A 54 15.02 14.05 -8.22
N SER A 54 15.02 14.05 -8.22
CA SER A 54 15.34 15.18 -9.06
CA SER A 54 15.33 15.20 -9.05
C SER A 54 14.52 15.14 -10.35
C SER A 54 14.53 15.14 -10.35
N ARG A 55 13.87 16.26 -10.68
CA ARG A 55 13.03 16.33 -11.86
C ARG A 55 13.87 16.56 -13.11
N ALA A 56 13.41 16.00 -14.23
CA ALA A 56 14.09 16.15 -15.50
C ALA A 56 13.72 17.48 -16.15
N THR A 57 14.46 17.83 -17.20
CA THR A 57 14.26 19.10 -17.88
C THR A 57 12.97 19.09 -18.68
N GLY A 58 12.14 20.10 -18.49
CA GLY A 58 10.87 20.20 -19.18
C GLY A 58 9.73 19.45 -18.53
N ILE A 59 9.93 18.86 -17.35
CA ILE A 59 8.88 18.11 -16.66
C ILE A 59 8.15 19.05 -15.71
N PRO A 60 6.81 19.08 -15.72
CA PRO A 60 6.09 19.95 -14.79
C PRO A 60 6.29 19.50 -13.35
N ASP A 61 6.30 20.49 -12.44
CA ASP A 61 6.59 20.22 -11.04
C ASP A 61 5.48 19.43 -10.34
N ARG A 62 4.40 19.06 -11.04
CA ARG A 62 3.39 18.22 -10.42
C ARG A 62 3.86 16.78 -10.27
N PHE A 63 4.90 16.39 -10.98
CA PHE A 63 5.57 15.11 -10.76
C PHE A 63 6.62 15.27 -9.67
N SER A 64 6.56 14.42 -8.65
CA SER A 64 7.49 14.50 -7.55
C SER A 64 7.94 13.10 -7.16
N GLY A 65 9.24 12.93 -6.96
CA GLY A 65 9.80 11.66 -6.54
C GLY A 65 10.20 11.68 -5.07
N SER A 66 10.01 10.55 -4.40
CA SER A 66 10.37 10.45 -3.00
C SER A 66 10.80 9.02 -2.71
N GLY A 67 11.39 8.82 -1.54
CA GLY A 67 11.82 7.52 -1.10
C GLY A 67 13.29 7.26 -1.38
N SER A 68 13.76 6.12 -0.89
CA SER A 68 15.16 5.73 -0.99
C SER A 68 15.30 4.34 -0.40
N GLY A 69 16.40 3.68 -0.76
CA GLY A 69 16.69 2.36 -0.25
C GLY A 69 15.88 1.26 -0.91
N THR A 70 14.80 0.83 -0.26
CA THR A 70 13.98 -0.26 -0.76
C THR A 70 12.59 0.17 -1.22
N ASP A 71 12.21 1.42 -1.03
CA ASP A 71 10.88 1.90 -1.42
C ASP A 71 10.99 3.29 -2.02
N PHE A 72 10.37 3.47 -3.18
CA PHE A 72 10.32 4.74 -3.88
C PHE A 72 8.88 5.02 -4.31
N THR A 73 8.58 6.30 -4.50
CA THR A 73 7.22 6.73 -4.80
C THR A 73 7.26 7.85 -5.83
N LEU A 74 6.44 7.71 -6.86
CA LEU A 74 6.19 8.77 -7.85
C LEU A 74 4.80 9.34 -7.60
N THR A 75 4.72 10.64 -7.38
CA THR A 75 3.47 11.31 -7.04
C THR A 75 3.12 12.32 -8.11
N ILE A 76 1.91 12.22 -8.63
CA ILE A 76 1.37 13.18 -9.59
C ILE A 76 0.23 13.91 -8.90
N SER A 77 0.48 15.17 -8.52
CA SER A 77 -0.47 15.95 -7.73
C SER A 77 -1.83 16.07 -8.42
N ARG A 78 -1.94 16.97 -9.39
CA ARG A 78 -3.16 17.12 -10.17
C ARG A 78 -2.97 16.42 -11.52
N LEU A 79 -3.89 15.52 -11.85
CA LEU A 79 -3.82 14.76 -13.09
C LEU A 79 -4.40 15.55 -14.25
N GLU A 80 -3.80 15.37 -15.41
CA GLU A 80 -4.22 15.98 -16.66
C GLU A 80 -4.39 14.90 -17.71
N PRO A 81 -5.21 15.14 -18.74
CA PRO A 81 -5.42 14.09 -19.76
C PRO A 81 -4.15 13.56 -20.41
N GLU A 82 -3.07 14.33 -20.43
CA GLU A 82 -1.81 13.90 -21.02
C GLU A 82 -0.89 13.19 -20.02
N ASP A 83 -1.39 12.90 -18.82
CA ASP A 83 -0.61 12.19 -17.80
C ASP A 83 -0.98 10.72 -17.70
N PHE A 84 -1.92 10.25 -18.51
CA PHE A 84 -2.38 8.87 -18.44
C PHE A 84 -1.60 8.03 -19.44
N ALA A 85 -0.73 7.17 -18.93
CA ALA A 85 0.11 6.32 -19.76
C ALA A 85 0.65 5.19 -18.89
N VAL A 86 1.72 4.55 -19.34
CA VAL A 86 2.39 3.52 -18.57
C VAL A 86 3.59 4.16 -17.86
N TYR A 87 3.86 3.72 -16.64
CA TYR A 87 4.96 4.27 -15.86
C TYR A 87 5.89 3.13 -15.45
N TYR A 88 7.19 3.36 -15.59
CA TYR A 88 8.21 2.39 -15.22
C TYR A 88 9.20 3.02 -14.24
N CYS A 89 9.72 2.19 -13.34
CA CYS A 89 10.87 2.58 -12.52
C CYS A 89 12.09 1.76 -12.93
N GLN A 90 13.26 2.35 -12.71
CA GLN A 90 14.52 1.74 -13.12
C GLN A 90 15.59 2.08 -12.09
N GLN A 91 16.26 1.05 -11.57
CA GLN A 91 17.38 1.25 -10.67
C GLN A 91 18.69 1.12 -11.45
N TYR A 92 19.65 1.96 -11.11
CA TYR A 92 20.98 1.92 -11.71
C TYR A 92 22.05 2.06 -10.62
N GLY A 93 21.74 1.59 -9.41
CA GLY A 93 22.72 1.55 -8.34
C GLY A 93 23.77 0.46 -8.47
N THR A 94 23.48 -0.55 -9.29
CA THR A 94 24.42 -1.61 -9.60
C THR A 94 24.62 -1.68 -11.11
N SER A 95 25.73 -2.31 -11.51
CA SER A 95 26.04 -2.41 -12.94
C SER A 95 24.95 -3.15 -13.71
N GLN A 96 24.17 -3.98 -13.05
CA GLN A 96 23.07 -4.69 -13.71
C GLN A 96 21.79 -3.88 -13.52
N SER A 97 21.53 -2.99 -14.48
CA SER A 97 20.33 -2.17 -14.44
C SER A 97 19.09 -3.02 -14.72
N THR A 98 17.99 -2.70 -14.04
CA THR A 98 16.75 -3.43 -14.17
C THR A 98 15.58 -2.46 -14.13
N PHE A 99 14.44 -2.90 -14.67
CA PHE A 99 13.21 -2.12 -14.73
C PHE A 99 12.10 -2.82 -13.95
N GLY A 100 11.01 -2.08 -13.74
CA GLY A 100 9.81 -2.65 -13.16
C GLY A 100 8.85 -3.18 -14.21
N GLN A 101 7.89 -3.99 -13.76
CA GLN A 101 6.96 -4.60 -14.70
C GLN A 101 5.99 -3.58 -15.29
N GLY A 102 5.81 -2.44 -14.64
CA GLY A 102 5.01 -1.38 -15.21
C GLY A 102 3.72 -1.14 -14.42
N THR A 103 3.32 0.13 -14.37
CA THR A 103 2.05 0.55 -13.78
C THR A 103 1.30 1.38 -14.81
N ARG A 104 0.21 0.84 -15.35
CA ARG A 104 -0.59 1.57 -16.31
C ARG A 104 -1.59 2.46 -15.58
N LEU A 105 -1.67 3.72 -15.98
CA LEU A 105 -2.57 4.71 -15.38
C LEU A 105 -3.59 5.11 -16.43
N GLU A 106 -4.80 4.57 -16.34
CA GLU A 106 -5.86 4.87 -17.29
C GLU A 106 -6.85 5.88 -16.70
N ILE A 107 -7.84 6.26 -17.51
CA ILE A 107 -8.83 7.26 -17.14
C ILE A 107 -10.07 6.56 -16.62
N LYS A 108 -10.64 7.09 -15.53
CA LYS A 108 -11.87 6.59 -14.95
C LYS A 108 -13.03 7.48 -15.41
N ARG A 109 -14.08 6.85 -15.95
CA ARG A 109 -15.27 7.57 -16.40
C ARG A 109 -16.50 6.76 -15.99
N THR A 110 -17.67 7.25 -16.39
CA THR A 110 -18.91 6.54 -16.09
C THR A 110 -18.98 5.27 -16.91
N VAL A 111 -19.77 4.31 -16.41
CA VAL A 111 -19.93 3.03 -17.10
C VAL A 111 -20.56 3.27 -18.46
N ALA A 112 -19.92 2.75 -19.51
CA ALA A 112 -20.40 2.90 -20.88
C ALA A 112 -20.72 1.52 -21.44
N ALA A 113 -21.91 1.37 -21.99
CA ALA A 113 -22.27 0.08 -22.55
C ALA A 113 -21.69 -0.07 -23.95
N PRO A 114 -21.32 -1.28 -24.35
CA PRO A 114 -20.82 -1.48 -25.72
C PRO A 114 -21.96 -1.58 -26.72
N SER A 115 -21.71 -1.04 -27.92
CA SER A 115 -22.60 -1.26 -29.04
C SER A 115 -22.15 -2.53 -29.76
N VAL A 116 -23.05 -3.51 -29.85
CA VAL A 116 -22.69 -4.84 -30.33
C VAL A 116 -23.18 -4.99 -31.77
N PHE A 117 -22.25 -5.31 -32.67
CA PHE A 117 -22.56 -5.59 -34.07
C PHE A 117 -21.99 -6.94 -34.45
N ILE A 118 -22.58 -7.56 -35.47
CA ILE A 118 -22.13 -8.86 -35.95
C ILE A 118 -22.05 -8.82 -37.48
N PHE A 119 -20.95 -9.33 -38.02
CA PHE A 119 -20.66 -9.32 -39.45
C PHE A 119 -20.46 -10.74 -39.94
N PRO A 120 -21.28 -11.21 -40.86
CA PRO A 120 -21.12 -12.55 -41.44
C PRO A 120 -19.88 -12.61 -42.32
N PRO A 121 -19.43 -13.81 -42.69
CA PRO A 121 -18.29 -13.89 -43.61
C PRO A 121 -18.68 -13.45 -45.02
N SER A 122 -17.74 -12.78 -45.68
CA SER A 122 -17.98 -12.30 -47.04
C SER A 122 -18.01 -13.46 -48.02
N ASP A 123 -18.72 -13.26 -49.13
CA ASP A 123 -18.78 -14.28 -50.17
C ASP A 123 -17.42 -14.53 -50.80
N GLU A 124 -16.60 -13.48 -50.93
N GLU A 124 -16.60 -13.48 -50.92
CA GLU A 124 -15.25 -13.66 -51.44
CA GLU A 124 -15.25 -13.66 -51.44
C GLU A 124 -14.45 -14.60 -50.56
C GLU A 124 -14.43 -14.59 -50.57
N GLN A 125 -14.59 -14.47 -49.25
CA GLN A 125 -13.91 -15.38 -48.33
C GLN A 125 -14.58 -16.75 -48.28
N LEU A 126 -15.90 -16.79 -48.47
CA LEU A 126 -16.60 -18.08 -48.50
C LEU A 126 -16.13 -18.93 -49.67
N LYS A 127 -15.86 -18.31 -50.81
CA LYS A 127 -15.30 -19.03 -51.94
C LYS A 127 -13.82 -19.36 -51.78
N SER A 128 -13.22 -19.04 -50.63
CA SER A 128 -11.83 -19.37 -50.35
C SER A 128 -11.67 -20.56 -49.42
N GLY A 129 -12.77 -21.10 -48.89
CA GLY A 129 -12.72 -22.25 -48.02
C GLY A 129 -12.70 -21.96 -46.53
N THR A 130 -12.89 -20.71 -46.13
CA THR A 130 -12.89 -20.34 -44.71
C THR A 130 -13.93 -19.25 -44.50
N ALA A 131 -14.63 -19.35 -43.37
CA ALA A 131 -15.66 -18.36 -42.99
C ALA A 131 -15.23 -17.71 -41.68
N SER A 132 -15.12 -16.39 -41.69
CA SER A 132 -14.73 -15.61 -40.53
C SER A 132 -15.89 -14.70 -40.14
N VAL A 133 -16.45 -14.94 -38.97
CA VAL A 133 -17.50 -14.09 -38.42
C VAL A 133 -16.84 -13.07 -37.50
N VAL A 134 -17.40 -11.86 -37.43
CA VAL A 134 -16.82 -10.79 -36.64
C VAL A 134 -17.87 -10.23 -35.70
N CYS A 135 -17.49 -10.01 -34.44
CA CYS A 135 -18.36 -9.38 -33.46
C CYS A 135 -17.65 -8.15 -32.93
N LEU A 136 -18.31 -7.00 -33.04
CA LEU A 136 -17.75 -5.72 -32.66
C LEU A 136 -18.44 -5.20 -31.40
N LEU A 137 -17.64 -4.76 -30.43
CA LEU A 137 -18.08 -4.14 -29.19
C LEU A 137 -17.51 -2.73 -29.20
N ASN A 138 -18.30 -1.79 -29.72
CA ASN A 138 -17.84 -0.43 -29.96
C ASN A 138 -18.10 0.45 -28.74
N ASN A 139 -17.04 1.14 -28.29
CA ASN A 139 -17.11 2.20 -27.29
C ASN A 139 -17.78 1.78 -25.98
N PHE A 140 -17.00 1.24 -25.05
CA PHE A 140 -17.51 0.84 -23.75
C PHE A 140 -16.48 1.15 -22.68
N TYR A 141 -16.94 1.11 -21.42
CA TYR A 141 -16.10 1.27 -20.24
C TYR A 141 -16.79 0.60 -19.07
N PRO A 142 -16.05 -0.15 -18.23
CA PRO A 142 -14.60 -0.34 -18.25
C PRO A 142 -14.10 -1.28 -19.34
N ARG A 143 -12.80 -1.59 -19.30
CA ARG A 143 -12.19 -2.40 -20.35
C ARG A 143 -12.65 -3.86 -20.28
N GLU A 144 -12.97 -4.35 -19.08
CA GLU A 144 -13.32 -5.75 -18.88
C GLU A 144 -14.63 -6.07 -19.58
N ALA A 145 -14.58 -7.05 -20.50
CA ALA A 145 -15.77 -7.52 -21.20
C ALA A 145 -15.63 -9.02 -21.43
N LYS A 146 -16.72 -9.66 -21.84
CA LYS A 146 -16.71 -11.09 -22.13
C LYS A 146 -17.52 -11.37 -23.38
N VAL A 147 -16.92 -12.07 -24.33
CA VAL A 147 -17.53 -12.42 -25.61
C VAL A 147 -17.65 -13.94 -25.68
N GLN A 148 -18.81 -14.42 -26.14
CA GLN A 148 -19.02 -15.84 -26.37
C GLN A 148 -19.67 -16.05 -27.73
N TRP A 149 -19.21 -17.07 -28.45
CA TRP A 149 -19.74 -17.41 -29.76
C TRP A 149 -20.67 -18.62 -29.66
N LYS A 150 -21.78 -18.56 -30.39
CA LYS A 150 -22.76 -19.64 -30.41
C LYS A 150 -23.09 -19.98 -31.85
N VAL A 151 -22.71 -21.18 -32.28
CA VAL A 151 -23.06 -21.71 -33.59
C VAL A 151 -24.18 -22.73 -33.38
N ASP A 152 -25.39 -22.36 -33.80
CA ASP A 152 -26.60 -23.16 -33.52
C ASP A 152 -26.73 -23.43 -32.02
N ASN A 153 -26.58 -22.37 -31.22
CA ASN A 153 -26.71 -22.39 -29.77
C ASN A 153 -25.65 -23.24 -29.08
N ALA A 154 -24.64 -23.72 -29.82
CA ALA A 154 -23.55 -24.49 -29.26
C ALA A 154 -22.36 -23.56 -29.05
N LEU A 155 -21.85 -23.52 -27.83
CA LEU A 155 -20.73 -22.64 -27.50
C LEU A 155 -19.46 -23.13 -28.19
N GLN A 156 -18.60 -22.18 -28.52
CA GLN A 156 -17.35 -22.45 -29.21
C GLN A 156 -16.17 -22.32 -28.25
N SER A 157 -15.05 -22.91 -28.65
CA SER A 157 -13.83 -22.85 -27.85
C SER A 157 -12.64 -23.14 -28.75
N GLY A 158 -11.53 -22.43 -28.51
CA GLY A 158 -10.31 -22.65 -29.26
C GLY A 158 -10.40 -22.34 -30.74
N ASN A 159 -11.29 -21.42 -31.14
CA ASN A 159 -11.45 -21.10 -32.56
C ASN A 159 -11.83 -19.65 -32.77
N SER A 160 -11.56 -18.78 -31.79
CA SER A 160 -11.84 -17.36 -31.89
C SER A 160 -10.73 -16.57 -31.23
N GLN A 161 -10.49 -15.37 -31.75
CA GLN A 161 -9.45 -14.50 -31.25
C GLN A 161 -9.99 -13.07 -31.13
N GLU A 162 -9.66 -12.41 -30.03
CA GLU A 162 -10.16 -11.06 -29.78
C GLU A 162 -9.01 -10.06 -29.75
N SER A 163 -9.36 -8.80 -29.94
CA SER A 163 -8.43 -7.70 -29.88
C SER A 163 -9.13 -6.48 -29.30
N VAL A 164 -8.46 -5.78 -28.38
CA VAL A 164 -9.01 -4.60 -27.72
C VAL A 164 -8.21 -3.38 -28.12
N THR A 165 -8.92 -2.29 -28.45
CA THR A 165 -8.24 -1.06 -28.85
C THR A 165 -7.62 -0.38 -27.63
N GLU A 166 -6.79 0.63 -27.92
CA GLU A 166 -6.23 1.46 -26.86
C GLU A 166 -7.31 2.36 -26.28
N GLN A 167 -6.92 3.14 -25.27
CA GLN A 167 -7.84 4.07 -24.65
C GLN A 167 -8.13 5.23 -25.59
N ASP A 168 -9.42 5.46 -25.85
CA ASP A 168 -9.82 6.54 -26.75
C ASP A 168 -9.47 7.89 -26.15
N SER A 169 -8.87 8.76 -26.96
CA SER A 169 -8.41 10.07 -26.50
C SER A 169 -9.52 11.10 -26.35
N LYS A 170 -10.75 10.77 -26.76
CA LYS A 170 -11.87 11.70 -26.67
C LYS A 170 -12.92 11.28 -25.65
N ASP A 171 -13.46 10.06 -25.77
CA ASP A 171 -14.50 9.60 -24.85
C ASP A 171 -13.98 8.60 -23.82
N SER A 172 -12.69 8.26 -23.87
CA SER A 172 -12.05 7.39 -22.88
C SER A 172 -12.65 5.99 -22.85
N THR A 173 -13.17 5.53 -23.99
CA THR A 173 -13.81 4.23 -24.08
C THR A 173 -12.90 3.23 -24.78
N TYR A 174 -13.32 1.97 -24.77
CA TYR A 174 -12.62 0.87 -25.40
C TYR A 174 -13.51 0.21 -26.44
N SER A 175 -12.89 -0.51 -27.37
CA SER A 175 -13.61 -1.32 -28.34
C SER A 175 -12.94 -2.68 -28.47
N LEU A 176 -13.73 -3.67 -28.87
CA LEU A 176 -13.25 -5.05 -28.95
C LEU A 176 -13.75 -5.69 -30.25
N SER A 177 -12.88 -6.47 -30.88
CA SER A 177 -13.24 -7.20 -32.09
C SER A 177 -12.93 -8.67 -31.88
N SER A 178 -13.94 -9.52 -32.05
CA SER A 178 -13.80 -10.96 -31.89
C SER A 178 -14.01 -11.62 -33.24
N THR A 179 -13.00 -12.37 -33.69
CA THR A 179 -13.05 -13.07 -34.97
C THR A 179 -13.20 -14.57 -34.69
N LEU A 180 -14.28 -15.15 -35.20
CA LEU A 180 -14.53 -16.58 -35.12
C LEU A 180 -14.23 -17.20 -36.48
N THR A 181 -13.32 -18.17 -36.50
CA THR A 181 -12.85 -18.77 -37.73
C THR A 181 -13.35 -20.21 -37.83
N LEU A 182 -14.02 -20.53 -38.94
CA LEU A 182 -14.57 -21.85 -39.19
C LEU A 182 -14.27 -22.25 -40.63
N SER A 183 -14.37 -23.55 -40.89
CA SER A 183 -14.23 -24.02 -42.25
C SER A 183 -15.52 -23.74 -43.04
N LYS A 184 -15.39 -23.71 -44.37
CA LYS A 184 -16.54 -23.43 -45.22
C LYS A 184 -17.64 -24.47 -45.01
N ALA A 185 -17.27 -25.75 -44.93
CA ALA A 185 -18.27 -26.81 -44.75
C ALA A 185 -18.96 -26.69 -43.40
N ASP A 186 -18.17 -26.46 -42.33
CA ASP A 186 -18.75 -26.29 -41.01
C ASP A 186 -19.67 -25.07 -40.96
N TYR A 187 -19.37 -24.04 -41.76
CA TYR A 187 -20.23 -22.87 -41.81
C TYR A 187 -21.52 -23.16 -42.56
N GLU A 188 -21.43 -23.75 -43.74
CA GLU A 188 -22.61 -24.05 -44.54
C GLU A 188 -23.46 -25.16 -43.95
N LYS A 189 -22.93 -25.90 -42.97
CA LYS A 189 -23.71 -26.96 -42.33
C LYS A 189 -24.67 -26.41 -41.27
N HIS A 190 -24.29 -25.34 -40.59
CA HIS A 190 -25.08 -24.79 -39.50
C HIS A 190 -25.93 -23.62 -39.98
N LYS A 191 -26.78 -23.13 -39.07
CA LYS A 191 -27.81 -22.16 -39.41
C LYS A 191 -27.63 -20.84 -38.67
N VAL A 192 -27.79 -20.81 -37.35
CA VAL A 192 -27.76 -19.59 -36.56
C VAL A 192 -26.33 -19.32 -36.09
N TYR A 193 -25.95 -18.05 -36.07
CA TYR A 193 -24.63 -17.64 -35.62
C TYR A 193 -24.80 -16.41 -34.75
N ALA A 194 -24.36 -16.49 -33.50
CA ALA A 194 -24.62 -15.45 -32.53
C ALA A 194 -23.37 -15.15 -31.71
N CYS A 195 -23.30 -13.92 -31.22
CA CYS A 195 -22.26 -13.52 -30.29
CA CYS A 195 -22.25 -13.48 -30.31
C CYS A 195 -22.92 -12.84 -29.11
N GLU A 196 -22.59 -13.32 -27.92
CA GLU A 196 -23.19 -12.90 -26.67
C GLU A 196 -22.15 -12.14 -25.85
N VAL A 197 -22.51 -10.92 -25.44
CA VAL A 197 -21.59 -10.01 -24.76
C VAL A 197 -22.09 -9.80 -23.34
N THR A 198 -21.21 -10.01 -22.38
CA THR A 198 -21.47 -9.70 -20.98
C THR A 198 -20.50 -8.60 -20.56
N HIS A 199 -21.03 -7.59 -19.88
CA HIS A 199 -20.27 -6.40 -19.52
C HIS A 199 -21.05 -5.65 -18.44
N GLN A 200 -20.32 -4.85 -17.67
CA GLN A 200 -20.96 -3.93 -16.74
C GLN A 200 -21.87 -2.96 -17.49
N GLY A 201 -22.84 -2.40 -16.76
CA GLY A 201 -23.74 -1.45 -17.38
C GLY A 201 -24.74 -2.12 -18.29
N LEU A 202 -24.80 -3.45 -18.22
CA LEU A 202 -25.77 -4.24 -18.94
C LEU A 202 -26.58 -5.05 -17.94
N SER A 203 -27.91 -4.99 -18.06
CA SER A 203 -28.77 -5.77 -17.18
C SER A 203 -28.54 -7.26 -17.35
N SER A 204 -28.34 -7.71 -18.59
CA SER A 204 -28.07 -9.10 -18.90
C SER A 204 -27.25 -9.15 -20.19
N PRO A 205 -26.52 -10.23 -20.42
CA PRO A 205 -25.72 -10.33 -21.66
C PRO A 205 -26.59 -10.18 -22.90
N VAL A 206 -26.10 -9.41 -23.86
CA VAL A 206 -26.82 -9.10 -25.08
C VAL A 206 -26.32 -10.01 -26.19
N THR A 207 -27.25 -10.60 -26.94
CA THR A 207 -26.92 -11.53 -28.01
C THR A 207 -27.26 -10.91 -29.36
N LYS A 208 -26.25 -10.75 -30.21
CA LYS A 208 -26.44 -10.30 -31.58
C LYS A 208 -26.23 -11.49 -32.51
N SER A 209 -27.22 -11.80 -33.32
CA SER A 209 -27.21 -13.03 -34.11
C SER A 209 -27.65 -12.74 -35.54
N PHE A 210 -27.30 -13.68 -36.41
CA PHE A 210 -27.81 -13.69 -37.78
C PHE A 210 -27.98 -15.13 -38.21
N ASN A 211 -28.89 -15.36 -39.14
CA ASN A 211 -29.15 -16.68 -39.68
C ASN A 211 -28.53 -16.79 -41.07
N ARG A 212 -27.73 -17.83 -41.28
CA ARG A 212 -27.07 -18.02 -42.56
C ARG A 212 -28.09 -18.37 -43.64
N GLY A 213 -28.02 -17.64 -44.75
CA GLY A 213 -28.91 -17.87 -45.87
C GLY A 213 -30.04 -16.88 -46.02
N GLU A 214 -30.02 -15.77 -45.28
CA GLU A 214 -31.09 -14.78 -45.35
C GLU A 214 -30.60 -13.40 -44.94
N GLN B 1 18.72 19.03 -29.27
CA GLN B 1 20.08 18.72 -28.84
C GLN B 1 20.52 17.34 -29.35
N VAL B 2 20.68 16.40 -28.41
CA VAL B 2 21.10 15.06 -28.77
C VAL B 2 19.95 14.32 -29.43
N GLN B 3 20.23 13.63 -30.54
CA GLN B 3 19.23 12.87 -31.27
C GLN B 3 19.82 11.52 -31.65
N LEU B 4 19.00 10.47 -31.51
CA LEU B 4 19.43 9.10 -31.78
C LEU B 4 18.51 8.52 -32.85
N VAL B 5 19.10 8.18 -34.00
CA VAL B 5 18.35 7.62 -35.13
C VAL B 5 18.80 6.17 -35.33
N GLN B 6 17.84 5.25 -35.24
CA GLN B 6 18.12 3.83 -35.41
C GLN B 6 17.83 3.38 -36.84
N SER B 7 18.26 2.16 -37.14
CA SER B 7 18.02 1.57 -38.45
C SER B 7 16.60 1.01 -38.53
N GLY B 8 16.17 0.71 -39.74
CA GLY B 8 14.82 0.25 -39.99
C GLY B 8 14.56 -1.11 -39.36
N ALA B 9 13.29 -1.53 -39.47
CA ALA B 9 12.87 -2.80 -38.94
C ALA B 9 13.54 -3.96 -39.68
N GLU B 10 13.50 -5.13 -39.04
CA GLU B 10 14.14 -6.33 -39.59
C GLU B 10 13.31 -7.54 -39.25
N VAL B 11 13.34 -8.53 -40.13
CA VAL B 11 12.64 -9.79 -39.95
C VAL B 11 13.67 -10.91 -40.07
N LYS B 12 13.97 -11.55 -38.94
CA LYS B 12 15.00 -12.59 -38.89
C LYS B 12 14.37 -13.94 -38.61
N LYS B 13 15.13 -14.97 -38.89
CA LYS B 13 14.81 -16.37 -38.69
C LYS B 13 15.44 -16.87 -37.40
N PRO B 14 14.84 -17.88 -36.76
CA PRO B 14 15.42 -18.39 -35.51
C PRO B 14 16.81 -18.98 -35.75
N GLY B 15 17.72 -18.69 -34.83
CA GLY B 15 19.08 -19.16 -34.91
C GLY B 15 20.05 -18.23 -35.61
N SER B 16 19.55 -17.26 -36.37
CA SER B 16 20.40 -16.33 -37.09
C SER B 16 20.83 -15.18 -36.18
N SER B 17 21.39 -14.13 -36.75
CA SER B 17 21.85 -12.98 -36.01
C SER B 17 21.32 -11.71 -36.65
N VAL B 18 21.15 -10.67 -35.83
CA VAL B 18 20.66 -9.38 -36.28
C VAL B 18 21.54 -8.29 -35.68
N LYS B 19 21.71 -7.21 -36.43
CA LYS B 19 22.54 -6.09 -36.00
C LYS B 19 21.77 -4.79 -36.21
N VAL B 20 21.69 -3.98 -35.16
CA VAL B 20 20.97 -2.72 -35.17
C VAL B 20 21.96 -1.59 -34.93
N SER B 21 21.78 -0.49 -35.64
CA SER B 21 22.65 0.68 -35.51
C SER B 21 21.92 1.80 -34.79
N CYS B 22 22.70 2.81 -34.38
CA CYS B 22 22.16 3.92 -33.60
C CYS B 22 23.09 5.12 -33.80
N LYS B 23 22.75 5.97 -34.76
CA LYS B 23 23.57 7.14 -35.11
C LYS B 23 23.18 8.32 -34.21
N ALA B 24 24.15 8.81 -33.44
CA ALA B 24 23.92 9.94 -32.56
C ALA B 24 24.31 11.25 -33.24
N SER B 25 23.66 12.34 -32.82
CA SER B 25 23.89 13.66 -33.39
C SER B 25 23.76 14.71 -32.31
N GLY B 26 24.78 15.55 -32.18
CA GLY B 26 24.77 16.62 -31.20
C GLY B 26 25.55 16.30 -29.94
N GLY B 27 26.21 17.31 -29.37
CA GLY B 27 26.94 17.14 -28.13
C GLY B 27 28.15 16.22 -28.25
N THR B 28 28.69 15.87 -27.09
CA THR B 28 29.83 14.97 -27.01
C THR B 28 29.36 13.53 -27.21
N PHE B 29 30.24 12.72 -27.79
CA PHE B 29 29.93 11.32 -28.08
C PHE B 29 30.82 10.33 -27.36
N SER B 30 32.06 10.70 -27.02
CA SER B 30 33.00 9.74 -26.47
C SER B 30 32.72 9.43 -25.00
N SER B 31 32.44 10.47 -24.21
CA SER B 31 32.36 10.34 -22.76
C SER B 31 30.92 10.23 -22.25
N TYR B 32 30.03 9.61 -23.03
CA TYR B 32 28.64 9.43 -22.64
C TYR B 32 28.17 8.04 -23.02
N ALA B 33 27.61 7.32 -22.06
CA ALA B 33 27.24 5.92 -22.26
C ALA B 33 25.95 5.80 -23.06
N ILE B 34 25.92 4.82 -23.97
CA ILE B 34 24.75 4.49 -24.77
C ILE B 34 24.26 3.11 -24.36
N SER B 35 22.98 3.01 -24.00
CA SER B 35 22.37 1.77 -23.56
C SER B 35 21.31 1.30 -24.56
N TRP B 36 21.00 0.00 -24.50
CA TRP B 36 20.00 -0.61 -25.36
C TRP B 36 18.92 -1.25 -24.50
N VAL B 37 17.66 -0.96 -24.82
CA VAL B 37 16.52 -1.47 -24.07
C VAL B 37 15.50 -2.05 -25.05
N ARG B 38 15.07 -3.28 -24.79
CA ARG B 38 14.09 -3.95 -25.64
C ARG B 38 12.75 -4.01 -24.93
N GLN B 39 11.70 -4.28 -25.72
CA GLN B 39 10.35 -4.33 -25.17
C GLN B 39 9.50 -5.21 -26.08
N ALA B 40 9.10 -6.38 -25.58
CA ALA B 40 8.29 -7.31 -26.33
C ALA B 40 6.85 -6.80 -26.44
N PRO B 41 6.10 -7.25 -27.45
CA PRO B 41 4.71 -6.80 -27.59
C PRO B 41 3.87 -7.16 -26.37
N GLY B 42 3.43 -6.13 -25.64
CA GLY B 42 2.65 -6.31 -24.43
C GLY B 42 3.45 -6.38 -23.15
N GLN B 43 4.75 -6.62 -23.24
CA GLN B 43 5.60 -6.73 -22.06
C GLN B 43 6.15 -5.35 -21.70
N GLY B 44 7.17 -5.32 -20.85
CA GLY B 44 7.74 -4.09 -20.36
C GLY B 44 9.16 -3.86 -20.82
N LEU B 45 9.77 -2.83 -20.25
CA LEU B 45 11.14 -2.46 -20.59
C LEU B 45 12.12 -3.49 -20.05
N GLU B 46 13.27 -3.60 -20.71
CA GLU B 46 14.29 -4.57 -20.32
C GLU B 46 15.66 -4.07 -20.74
N TRP B 47 16.54 -3.86 -19.75
CA TRP B 47 17.88 -3.37 -20.01
C TRP B 47 18.76 -4.52 -20.51
N MET B 48 19.45 -4.28 -21.62
CA MET B 48 20.29 -5.29 -22.26
C MET B 48 21.77 -5.05 -22.07
N GLY B 49 22.20 -3.80 -22.10
CA GLY B 49 23.61 -3.50 -21.95
C GLY B 49 23.89 -2.06 -22.35
N GLY B 50 25.15 -1.69 -22.17
CA GLY B 50 25.57 -0.34 -22.49
C GLY B 50 27.04 -0.33 -22.88
N ILE B 51 27.48 0.82 -23.36
CA ILE B 51 28.87 1.00 -23.75
C ILE B 51 29.23 2.47 -23.62
N ILE B 52 30.42 2.74 -23.12
CA ILE B 52 31.00 4.08 -23.12
C ILE B 52 31.96 4.15 -24.31
N PRO B 53 31.61 4.85 -25.39
CA PRO B 53 32.37 4.73 -26.65
C PRO B 53 33.87 4.96 -26.49
N ILE B 54 34.30 5.81 -25.56
CA ILE B 54 35.73 6.07 -25.41
C ILE B 54 36.48 4.84 -24.92
N PHE B 55 35.76 3.85 -24.38
CA PHE B 55 36.33 2.57 -24.00
C PHE B 55 35.78 1.48 -24.90
N GLY B 56 36.65 0.55 -25.30
CA GLY B 56 36.17 -0.61 -26.04
C GLY B 56 35.39 -1.57 -25.16
N THR B 57 35.70 -1.61 -23.87
CA THR B 57 34.99 -2.48 -22.95
C THR B 57 33.55 -1.99 -22.76
N ALA B 58 32.60 -2.91 -22.77
CA ALA B 58 31.19 -2.62 -22.60
C ALA B 58 30.68 -3.21 -21.29
N ASN B 59 29.37 -3.13 -21.09
CA ASN B 59 28.73 -3.64 -19.87
C ASN B 59 27.42 -4.28 -20.29
N TYR B 60 27.35 -5.61 -20.23
CA TYR B 60 26.19 -6.36 -20.68
C TYR B 60 25.39 -6.88 -19.50
N ALA B 61 24.12 -7.18 -19.77
CA ALA B 61 23.27 -7.81 -18.77
C ALA B 61 23.63 -9.29 -18.64
N GLN B 62 23.69 -9.77 -17.39
CA GLN B 62 24.10 -11.15 -17.15
C GLN B 62 23.19 -12.15 -17.86
N LYS B 63 21.92 -11.80 -18.06
CA LYS B 63 20.99 -12.70 -18.74
C LYS B 63 21.34 -12.87 -20.21
N PHE B 64 21.91 -11.85 -20.84
CA PHE B 64 22.18 -11.87 -22.27
C PHE B 64 23.64 -12.15 -22.61
N GLN B 65 24.48 -12.45 -21.61
CA GLN B 65 25.90 -12.70 -21.88
C GLN B 65 26.06 -13.95 -22.72
N GLY B 66 26.77 -13.82 -23.84
CA GLY B 66 26.92 -14.87 -24.81
C GLY B 66 26.16 -14.64 -26.09
N ARG B 67 25.23 -13.69 -26.11
CA ARG B 67 24.43 -13.39 -27.29
C ARG B 67 24.49 -11.93 -27.73
N VAL B 68 24.83 -11.01 -26.83
CA VAL B 68 24.80 -9.58 -27.12
C VAL B 68 26.21 -9.08 -27.33
N THR B 69 26.42 -8.32 -28.40
CA THR B 69 27.67 -7.62 -28.67
C THR B 69 27.31 -6.17 -28.95
N ILE B 70 27.78 -5.26 -28.10
CA ILE B 70 27.54 -3.83 -28.23
C ILE B 70 28.87 -3.16 -28.50
N THR B 71 29.02 -2.61 -29.71
CA THR B 71 30.23 -1.89 -30.09
C THR B 71 29.86 -0.52 -30.62
N ALA B 72 30.76 0.43 -30.45
CA ALA B 72 30.55 1.81 -30.86
C ALA B 72 31.61 2.21 -31.88
N ASP B 73 31.17 2.91 -32.93
CA ASP B 73 32.05 3.40 -33.99
C ASP B 73 32.15 4.91 -33.85
N LYS B 74 33.22 5.38 -33.18
CA LYS B 74 33.40 6.80 -32.98
C LYS B 74 33.55 7.56 -34.30
N SER B 75 34.05 6.88 -35.34
CA SER B 75 34.28 7.56 -36.62
C SER B 75 32.98 8.03 -37.25
N THR B 76 31.88 7.31 -37.03
CA THR B 76 30.58 7.69 -37.54
C THR B 76 29.61 8.09 -36.42
N SER B 77 30.07 8.09 -35.17
CA SER B 77 29.22 8.39 -34.01
C SER B 77 27.99 7.49 -33.98
N THR B 78 28.22 6.20 -34.13
CA THR B 78 27.16 5.22 -34.25
C THR B 78 27.39 4.07 -33.28
N ALA B 79 26.36 3.73 -32.51
CA ALA B 79 26.37 2.57 -31.63
C ALA B 79 25.72 1.38 -32.34
N TYR B 80 26.24 0.20 -32.04
CA TYR B 80 25.77 -1.03 -32.67
C TYR B 80 25.34 -2.03 -31.60
N MET B 81 24.22 -2.69 -31.86
CA MET B 81 23.72 -3.75 -31.00
C MET B 81 23.52 -4.99 -31.87
N GLU B 82 24.13 -6.10 -31.47
CA GLU B 82 24.08 -7.33 -32.24
C GLU B 82 23.65 -8.47 -31.34
N LEU B 83 22.69 -9.25 -31.82
CA LEU B 83 22.13 -10.37 -31.06
C LEU B 83 22.22 -11.63 -31.92
N SER B 84 22.83 -12.67 -31.37
CA SER B 84 22.99 -13.94 -32.07
C SER B 84 22.11 -15.00 -31.43
N SER B 85 21.95 -16.12 -32.14
CA SER B 85 21.11 -17.23 -31.73
C SER B 85 19.69 -16.76 -31.38
N LEU B 86 19.07 -16.11 -32.36
CA LEU B 86 17.77 -15.49 -32.17
C LEU B 86 16.68 -16.54 -31.95
N ARG B 87 15.74 -16.21 -31.07
CA ARG B 87 14.57 -17.05 -30.80
C ARG B 87 13.34 -16.16 -30.80
N SER B 88 12.16 -16.79 -30.88
CA SER B 88 10.90 -16.04 -31.01
C SER B 88 10.68 -15.09 -29.85
N GLU B 89 11.26 -15.35 -28.68
CA GLU B 89 11.10 -14.44 -27.56
C GLU B 89 11.86 -13.13 -27.76
N ASP B 90 12.85 -13.13 -28.65
CA ASP B 90 13.59 -11.92 -28.97
C ASP B 90 12.79 -10.94 -29.84
N THR B 91 11.61 -11.34 -30.31
CA THR B 91 10.73 -10.45 -31.05
C THR B 91 10.31 -9.28 -30.17
N ALA B 92 10.91 -8.11 -30.38
CA ALA B 92 10.66 -6.96 -29.53
C ALA B 92 11.08 -5.70 -30.27
N VAL B 93 10.77 -4.55 -29.67
CA VAL B 93 11.21 -3.26 -30.17
C VAL B 93 12.49 -2.88 -29.43
N TYR B 94 13.57 -2.67 -30.19
CA TYR B 94 14.88 -2.39 -29.61
C TYR B 94 15.14 -0.89 -29.67
N TYR B 95 15.17 -0.26 -28.50
CA TYR B 95 15.46 1.16 -28.37
C TYR B 95 16.92 1.36 -27.99
N CYS B 96 17.52 2.42 -28.54
CA CYS B 96 18.86 2.83 -28.14
CA CYS B 96 18.86 2.85 -28.17
C CYS B 96 18.75 4.14 -27.37
N ALA B 97 19.21 4.11 -26.12
CA ALA B 97 19.08 5.24 -25.22
C ALA B 97 20.46 5.79 -24.86
N ARG B 98 20.46 7.06 -24.43
CA ARG B 98 21.67 7.74 -24.02
C ARG B 98 21.41 8.46 -22.71
N GLU B 99 22.40 8.47 -21.84
CA GLU B 99 22.26 9.09 -20.54
C GLU B 99 21.96 10.58 -20.68
N GLY B 100 21.34 11.14 -19.64
CA GLY B 100 20.94 12.53 -19.67
C GLY B 100 22.11 13.47 -19.44
N GLU B 101 21.99 14.65 -20.03
CA GLU B 101 22.99 15.72 -19.88
C GLU B 101 22.39 16.80 -19.00
N GLY B 102 23.02 17.07 -17.88
CA GLY B 102 22.56 18.07 -16.93
C GLY B 102 23.20 19.41 -17.12
N TRP B 103 23.30 20.16 -16.03
CA TRP B 103 23.95 21.46 -16.08
C TRP B 103 25.43 21.29 -16.45
N PHE B 104 25.87 22.11 -17.40
CA PHE B 104 27.25 22.06 -17.93
C PHE B 104 27.45 20.67 -18.54
N GLY B 105 28.61 20.05 -18.36
CA GLY B 105 28.85 18.73 -18.91
C GLY B 105 28.56 17.57 -17.98
N LYS B 106 28.21 17.85 -16.73
CA LYS B 106 27.94 16.81 -15.74
C LYS B 106 26.80 15.91 -16.21
N PRO B 107 27.08 14.64 -16.50
CA PRO B 107 26.05 13.76 -17.06
C PRO B 107 25.21 13.09 -15.98
N LEU B 108 23.96 12.85 -16.33
CA LEU B 108 23.08 12.06 -15.48
C LEU B 108 23.30 10.59 -15.79
N ARG B 109 22.56 9.72 -15.10
CA ARG B 109 22.64 8.30 -15.38
C ARG B 109 21.37 7.73 -15.98
N ALA B 110 20.23 8.38 -15.80
CA ALA B 110 18.99 7.92 -16.39
C ALA B 110 19.01 8.15 -17.91
N PHE B 111 18.10 7.48 -18.59
CA PHE B 111 18.04 7.50 -20.05
C PHE B 111 17.12 8.63 -20.49
N GLU B 112 17.70 9.80 -20.77
CA GLU B 112 16.92 10.95 -21.20
C GLU B 112 16.66 10.95 -22.71
N PHE B 113 17.67 10.60 -23.50
CA PHE B 113 17.56 10.61 -24.95
C PHE B 113 17.29 9.19 -25.45
N TRP B 114 16.41 9.07 -26.44
CA TRP B 114 16.00 7.77 -26.93
C TRP B 114 15.90 7.82 -28.45
N GLY B 115 16.00 6.63 -29.07
CA GLY B 115 15.75 6.48 -30.48
C GLY B 115 14.30 6.10 -30.75
N GLN B 116 13.96 6.06 -32.04
CA GLN B 116 12.59 5.75 -32.42
C GLN B 116 12.24 4.27 -32.22
N GLY B 117 13.24 3.40 -32.12
CA GLY B 117 12.99 2.00 -31.89
C GLY B 117 12.99 1.17 -33.17
N THR B 118 13.61 0.00 -33.12
CA THR B 118 13.70 -0.91 -34.25
C THR B 118 12.86 -2.15 -33.96
N VAL B 119 11.91 -2.45 -34.84
CA VAL B 119 11.02 -3.60 -34.68
C VAL B 119 11.73 -4.83 -35.23
N ILE B 120 12.27 -5.65 -34.33
CA ILE B 120 12.92 -6.90 -34.69
C ILE B 120 11.89 -8.02 -34.51
N THR B 121 11.49 -8.64 -35.62
CA THR B 121 10.53 -9.74 -35.62
C THR B 121 11.29 -11.04 -35.88
N VAL B 122 11.47 -11.84 -34.84
CA VAL B 122 12.11 -13.15 -34.96
C VAL B 122 11.01 -14.19 -35.16
N SER B 123 10.89 -14.69 -36.39
CA SER B 123 9.86 -15.66 -36.72
C SER B 123 10.37 -16.54 -37.85
N SER B 124 9.56 -17.52 -38.24
CA SER B 124 9.92 -18.45 -39.30
C SER B 124 8.91 -18.46 -40.45
N ALA B 125 7.91 -17.59 -40.41
CA ALA B 125 6.93 -17.53 -41.49
C ALA B 125 7.47 -16.73 -42.67
N SER B 126 6.87 -16.95 -43.83
CA SER B 126 7.29 -16.27 -45.04
C SER B 126 6.43 -15.03 -45.29
N THR B 127 7.02 -14.07 -46.01
CA THR B 127 6.32 -12.83 -46.31
C THR B 127 5.10 -13.11 -47.17
N LYS B 128 3.96 -12.59 -46.74
CA LYS B 128 2.68 -12.85 -47.41
C LYS B 128 1.80 -11.62 -47.31
N GLY B 129 1.09 -11.33 -48.38
CA GLY B 129 0.16 -10.23 -48.42
C GLY B 129 -1.17 -10.60 -47.78
N PRO B 130 -1.91 -9.60 -47.30
CA PRO B 130 -3.15 -9.87 -46.59
C PRO B 130 -4.32 -10.07 -47.53
N SER B 131 -5.34 -10.76 -47.01
CA SER B 131 -6.62 -10.93 -47.69
C SER B 131 -7.60 -9.95 -47.06
N VAL B 132 -8.05 -8.98 -47.83
CA VAL B 132 -8.95 -7.93 -47.36
C VAL B 132 -10.37 -8.33 -47.72
N PHE B 133 -11.22 -8.45 -46.70
CA PHE B 133 -12.61 -8.79 -46.92
C PHE B 133 -13.52 -7.71 -46.35
N PRO B 134 -14.64 -7.42 -47.02
CA PRO B 134 -15.53 -6.36 -46.55
C PRO B 134 -16.45 -6.84 -45.44
N LEU B 135 -16.45 -6.11 -44.33
CA LEU B 135 -17.43 -6.32 -43.26
C LEU B 135 -18.63 -5.42 -43.57
N ALA B 136 -19.56 -5.94 -44.36
CA ALA B 136 -20.67 -5.14 -44.83
C ALA B 136 -21.63 -4.80 -43.69
N PRO B 137 -22.19 -3.59 -43.69
CA PRO B 137 -23.18 -3.24 -42.64
C PRO B 137 -24.57 -3.74 -42.99
N SER B 138 -25.31 -4.15 -41.97
CA SER B 138 -26.68 -4.63 -42.16
C SER B 138 -27.66 -3.82 -41.34
N GLY B 144 -28.21 6.88 -32.33
CA GLY B 144 -29.36 6.33 -33.02
C GLY B 144 -29.05 5.80 -34.40
N GLY B 145 -29.27 6.64 -35.41
CA GLY B 145 -28.98 6.27 -36.78
C GLY B 145 -27.50 6.13 -37.05
N THR B 146 -26.93 4.98 -36.67
CA THR B 146 -25.50 4.72 -36.81
C THR B 146 -25.31 3.34 -37.41
N ALA B 147 -24.47 3.26 -38.44
CA ALA B 147 -24.17 2.00 -39.12
C ALA B 147 -22.66 1.76 -39.05
N ALA B 148 -22.29 0.55 -38.65
CA ALA B 148 -20.88 0.18 -38.52
C ALA B 148 -20.50 -0.76 -39.66
N LEU B 149 -19.39 -0.43 -40.32
CA LEU B 149 -18.84 -1.24 -41.41
C LEU B 149 -17.33 -1.34 -41.21
N GLY B 150 -16.71 -2.26 -41.93
CA GLY B 150 -15.28 -2.41 -41.75
C GLY B 150 -14.67 -3.35 -42.76
N CYS B 151 -13.37 -3.58 -42.59
CA CYS B 151 -12.61 -4.49 -43.43
CA CYS B 151 -12.60 -4.47 -43.44
C CYS B 151 -11.77 -5.40 -42.57
N LEU B 152 -11.76 -6.68 -42.93
CA LEU B 152 -10.98 -7.69 -42.23
C LEU B 152 -9.66 -7.89 -42.97
N VAL B 153 -8.55 -7.57 -42.31
CA VAL B 153 -7.23 -7.69 -42.89
C VAL B 153 -6.61 -8.95 -42.30
N LYS B 154 -6.77 -10.08 -43.00
CA LYS B 154 -6.47 -11.39 -42.46
C LYS B 154 -5.30 -12.03 -43.20
N ASP B 155 -4.46 -12.73 -42.44
CA ASP B 155 -3.39 -13.57 -42.97
C ASP B 155 -2.32 -12.77 -43.71
N TYR B 156 -1.44 -12.10 -42.96
CA TYR B 156 -0.33 -11.38 -43.54
C TYR B 156 0.88 -11.51 -42.63
N PHE B 157 2.07 -11.37 -43.22
CA PHE B 157 3.29 -11.36 -42.44
C PHE B 157 4.36 -10.57 -43.18
N PRO B 158 5.15 -9.74 -42.47
CA PRO B 158 5.01 -9.45 -41.05
C PRO B 158 4.22 -8.19 -40.76
N GLU B 159 4.37 -7.68 -39.54
CA GLU B 159 3.78 -6.42 -39.13
C GLU B 159 4.59 -5.26 -39.72
N PRO B 160 3.94 -4.11 -39.96
CA PRO B 160 2.52 -3.86 -39.80
C PRO B 160 1.80 -3.70 -41.13
N VAL B 161 0.51 -3.38 -41.05
CA VAL B 161 -0.28 -2.95 -42.19
C VAL B 161 -0.98 -1.66 -41.81
N THR B 162 -0.92 -0.67 -42.69
CA THR B 162 -1.60 0.59 -42.46
C THR B 162 -2.99 0.54 -43.08
N VAL B 163 -3.96 1.08 -42.37
CA VAL B 163 -5.35 1.11 -42.81
C VAL B 163 -5.85 2.54 -42.79
N SER B 164 -6.63 2.91 -43.79
CA SER B 164 -7.33 4.19 -43.83
C SER B 164 -8.68 3.97 -44.48
N TRP B 165 -9.53 4.99 -44.40
CA TRP B 165 -10.85 4.96 -45.00
C TRP B 165 -11.01 6.17 -45.91
N ASN B 166 -11.54 5.93 -47.12
CA ASN B 166 -11.71 6.97 -48.14
C ASN B 166 -10.39 7.69 -48.42
N SER B 167 -9.35 6.90 -48.67
CA SER B 167 -8.00 7.42 -48.95
C SER B 167 -7.48 8.28 -47.81
N GLY B 168 -8.00 8.06 -46.60
CA GLY B 168 -7.60 8.80 -45.43
C GLY B 168 -8.46 9.99 -45.10
N ALA B 169 -9.50 10.27 -45.88
CA ALA B 169 -10.35 11.43 -45.64
C ALA B 169 -11.36 11.21 -44.52
N LEU B 170 -11.56 9.98 -44.08
CA LEU B 170 -12.52 9.65 -43.03
C LEU B 170 -11.76 9.15 -41.81
N THR B 171 -11.89 9.88 -40.70
CA THR B 171 -11.17 9.53 -39.48
C THR B 171 -12.12 9.40 -38.29
N SER B 172 -13.24 10.12 -38.31
CA SER B 172 -14.16 10.10 -37.18
C SER B 172 -14.81 8.74 -37.06
N GLY B 173 -14.80 8.17 -35.85
CA GLY B 173 -15.39 6.87 -35.62
C GLY B 173 -14.57 5.69 -36.08
N VAL B 174 -13.32 5.90 -36.49
CA VAL B 174 -12.49 4.81 -37.00
C VAL B 174 -11.85 4.08 -35.83
N HIS B 175 -11.97 2.75 -35.83
CA HIS B 175 -11.33 1.88 -34.84
C HIS B 175 -10.53 0.82 -35.60
N THR B 176 -9.21 1.01 -35.66
CA THR B 176 -8.31 0.01 -36.22
C THR B 176 -7.72 -0.79 -35.08
N PHE B 177 -8.05 -2.08 -35.02
CA PHE B 177 -7.68 -2.93 -33.90
C PHE B 177 -6.24 -3.44 -34.04
N PRO B 178 -5.57 -3.68 -32.92
CA PRO B 178 -4.25 -4.31 -32.99
C PRO B 178 -4.32 -5.70 -33.61
N ALA B 179 -3.20 -6.13 -34.18
CA ALA B 179 -3.15 -7.42 -34.85
C ALA B 179 -3.05 -8.54 -33.83
N VAL B 180 -3.53 -9.71 -34.23
CA VAL B 180 -3.48 -10.92 -33.41
C VAL B 180 -2.65 -11.95 -34.16
N LEU B 181 -1.58 -12.43 -33.54
CA LEU B 181 -0.70 -13.43 -34.14
C LEU B 181 -1.38 -14.79 -34.04
N GLN B 182 -1.77 -15.34 -35.18
CA GLN B 182 -2.38 -16.65 -35.24
C GLN B 182 -1.34 -17.74 -35.04
N SER B 183 -1.81 -18.97 -34.85
CA SER B 183 -0.91 -20.09 -34.60
C SER B 183 -0.15 -20.52 -35.85
N SER B 184 -0.48 -19.98 -37.02
CA SER B 184 0.22 -20.30 -38.25
C SER B 184 1.39 -19.37 -38.53
N GLY B 185 1.65 -18.41 -37.64
CA GLY B 185 2.70 -17.44 -37.84
C GLY B 185 2.27 -16.17 -38.52
N LEU B 186 1.09 -16.15 -39.13
CA LEU B 186 0.58 -14.96 -39.81
C LEU B 186 -0.16 -14.05 -38.83
N TYR B 187 -0.36 -12.81 -39.24
CA TYR B 187 -1.07 -11.82 -38.44
C TYR B 187 -2.43 -11.53 -39.04
N SER B 188 -3.27 -10.86 -38.25
CA SER B 188 -4.63 -10.56 -38.67
C SER B 188 -5.16 -9.43 -37.79
N LEU B 189 -5.81 -8.45 -38.42
CA LEU B 189 -6.45 -7.37 -37.68
C LEU B 189 -7.71 -6.94 -38.42
N SER B 190 -8.49 -6.09 -37.75
N SER B 190 -8.49 -6.09 -37.75
CA SER B 190 -9.72 -5.56 -38.30
CA SER B 190 -9.72 -5.57 -38.31
C SER B 190 -9.76 -4.05 -38.11
C SER B 190 -9.76 -4.07 -38.11
N SER B 191 -10.49 -3.38 -38.99
CA SER B 191 -10.66 -1.94 -38.91
C SER B 191 -12.12 -1.63 -39.20
N VAL B 192 -12.76 -0.90 -38.31
CA VAL B 192 -14.17 -0.57 -38.44
C VAL B 192 -14.36 0.93 -38.33
N VAL B 193 -15.51 1.39 -38.81
CA VAL B 193 -15.87 2.80 -38.74
C VAL B 193 -17.38 2.93 -38.70
N THR B 194 -17.89 3.77 -37.79
CA THR B 194 -19.32 4.04 -37.68
C THR B 194 -19.67 5.28 -38.49
N VAL B 195 -20.73 5.19 -39.28
CA VAL B 195 -21.15 6.28 -40.16
C VAL B 195 -22.65 6.46 -40.03
N PRO B 196 -23.17 7.63 -40.39
CA PRO B 196 -24.62 7.81 -40.40
C PRO B 196 -25.29 6.82 -41.36
N SER B 197 -26.39 6.21 -40.89
CA SER B 197 -27.07 5.22 -41.72
C SER B 197 -27.68 5.85 -42.96
N SER B 198 -28.00 7.15 -42.90
CA SER B 198 -28.56 7.86 -44.04
C SER B 198 -27.55 8.07 -45.16
N SER B 199 -26.25 7.93 -44.87
CA SER B 199 -25.19 8.12 -45.84
C SER B 199 -24.65 6.80 -46.39
N LEU B 200 -25.43 5.73 -46.31
CA LEU B 200 -24.96 4.45 -46.84
C LEU B 200 -25.21 4.34 -48.35
N GLY B 201 -26.42 4.70 -48.79
CA GLY B 201 -26.81 4.65 -50.18
C GLY B 201 -26.32 5.80 -51.03
N THR B 202 -25.50 6.70 -50.47
CA THR B 202 -24.99 7.84 -51.23
C THR B 202 -23.50 8.10 -51.07
N GLN B 203 -22.84 7.54 -50.07
CA GLN B 203 -21.41 7.75 -49.85
C GLN B 203 -20.67 6.42 -50.07
N THR B 204 -19.57 6.48 -50.81
CA THR B 204 -18.74 5.31 -51.08
C THR B 204 -17.66 5.21 -50.02
N TYR B 205 -17.50 4.01 -49.45
CA TYR B 205 -16.52 3.76 -48.40
C TYR B 205 -15.49 2.76 -48.92
N ILE B 206 -14.24 3.19 -48.99
CA ILE B 206 -13.15 2.38 -49.51
C ILE B 206 -12.07 2.27 -48.43
N CYS B 207 -11.82 1.05 -47.98
CA CYS B 207 -10.78 0.80 -46.99
CA CYS B 207 -10.79 0.77 -46.98
C CYS B 207 -9.46 0.53 -47.71
N ASN B 208 -8.44 1.29 -47.33
CA ASN B 208 -7.13 1.21 -47.98
C ASN B 208 -6.17 0.45 -47.06
N VAL B 209 -5.60 -0.64 -47.58
CA VAL B 209 -4.65 -1.46 -46.84
C VAL B 209 -3.31 -1.41 -47.58
N ASN B 210 -2.26 -1.03 -46.87
CA ASN B 210 -0.91 -0.93 -47.42
C ASN B 210 0.01 -1.80 -46.60
N HIS B 211 0.44 -2.92 -47.16
CA HIS B 211 1.39 -3.83 -46.52
C HIS B 211 2.73 -3.61 -47.21
N LYS B 212 3.59 -2.80 -46.59
CA LYS B 212 4.86 -2.46 -47.22
C LYS B 212 5.81 -3.65 -47.41
N PRO B 213 5.98 -4.57 -46.45
CA PRO B 213 6.93 -5.68 -46.67
C PRO B 213 6.62 -6.53 -47.89
N SER B 214 5.33 -6.73 -48.21
CA SER B 214 4.95 -7.52 -49.38
C SER B 214 4.59 -6.66 -50.58
N ASN B 215 4.68 -5.34 -50.45
CA ASN B 215 4.32 -4.39 -51.50
C ASN B 215 2.91 -4.68 -52.03
N THR B 216 1.94 -4.62 -51.13
CA THR B 216 0.56 -4.95 -51.42
C THR B 216 -0.36 -3.79 -51.02
N LYS B 217 -0.94 -3.13 -52.01
CA LYS B 217 -1.95 -2.10 -51.79
C LYS B 217 -3.31 -2.64 -52.23
N VAL B 218 -4.31 -2.47 -51.38
CA VAL B 218 -5.67 -2.94 -51.66
C VAL B 218 -6.65 -1.83 -51.36
N ASP B 219 -7.58 -1.58 -52.28
CA ASP B 219 -8.70 -0.66 -52.09
C ASP B 219 -9.98 -1.46 -52.20
N LYS B 220 -10.52 -1.88 -51.05
CA LYS B 220 -11.73 -2.68 -51.00
C LYS B 220 -12.93 -1.77 -50.75
N LYS B 221 -13.89 -1.79 -51.65
CA LYS B 221 -15.12 -1.02 -51.52
C LYS B 221 -16.13 -1.81 -50.70
N VAL B 222 -16.59 -1.24 -49.58
CA VAL B 222 -17.54 -1.87 -48.70
C VAL B 222 -18.91 -1.22 -48.92
N GLU B 223 -19.88 -2.01 -49.33
CA GLU B 223 -21.23 -1.51 -49.55
C GLU B 223 -22.24 -2.38 -48.82
N PRO B 224 -23.35 -1.80 -48.36
CA PRO B 224 -24.27 -2.55 -47.49
C PRO B 224 -24.98 -3.67 -48.24
N LYS B 225 -25.53 -4.60 -47.46
CA LYS B 225 -26.26 -5.73 -48.00
C LYS B 225 -27.75 -5.44 -48.09
N GLU C 1 4.46 22.82 9.36
CA GLU C 1 3.84 21.65 9.97
C GLU C 1 3.89 20.45 9.03
N ILE C 2 4.26 19.30 9.59
CA ILE C 2 4.31 18.05 8.85
C ILE C 2 3.42 17.05 9.59
N VAL C 3 2.44 16.49 8.87
CA VAL C 3 1.51 15.53 9.44
C VAL C 3 1.89 14.14 8.94
N LEU C 4 2.14 13.22 9.87
CA LEU C 4 2.51 11.85 9.55
C LEU C 4 1.28 10.95 9.65
N THR C 5 1.16 10.03 8.69
CA THR C 5 0.08 9.06 8.64
C THR C 5 0.70 7.67 8.47
N GLN C 6 0.33 6.75 9.36
CA GLN C 6 0.88 5.40 9.31
C GLN C 6 -0.11 4.44 8.68
N SER C 7 0.43 3.39 8.05
CA SER C 7 -0.36 2.39 7.37
C SER C 7 0.29 1.02 7.53
N PRO C 8 -0.50 -0.02 7.83
CA PRO C 8 -1.92 0.12 8.10
C PRO C 8 -2.18 0.56 9.55
N GLY C 9 -3.45 0.62 9.95
CA GLY C 9 -3.78 0.92 11.33
C GLY C 9 -3.59 -0.28 12.24
N THR C 10 -3.92 -1.47 11.72
CA THR C 10 -3.73 -2.72 12.43
C THR C 10 -3.18 -3.75 11.46
N LEU C 11 -2.11 -4.43 11.86
CA LEU C 11 -1.47 -5.45 11.03
C LEU C 11 -1.46 -6.76 11.78
N SER C 12 -1.92 -7.82 11.11
CA SER C 12 -2.00 -9.16 11.69
C SER C 12 -1.14 -10.09 10.86
N LEU C 13 -0.05 -10.57 11.45
CA LEU C 13 0.89 -11.44 10.76
C LEU C 13 1.41 -12.50 11.72
N SER C 14 1.50 -13.74 11.24
CA SER C 14 2.01 -14.83 12.06
C SER C 14 3.50 -14.67 12.31
N PRO C 15 4.01 -15.18 13.43
CA PRO C 15 5.46 -15.09 13.69
C PRO C 15 6.26 -15.82 12.64
N GLY C 16 7.40 -15.24 12.28
CA GLY C 16 8.23 -15.76 11.22
C GLY C 16 7.96 -15.16 9.85
N GLU C 17 6.88 -14.39 9.70
CA GLU C 17 6.54 -13.77 8.44
C GLU C 17 7.14 -12.37 8.34
N ARG C 18 7.08 -11.80 7.14
CA ARG C 18 7.68 -10.51 6.84
C ARG C 18 6.66 -9.40 7.05
N ALA C 19 7.06 -8.35 7.77
CA ALA C 19 6.17 -7.25 8.12
C ALA C 19 6.70 -5.94 7.52
N THR C 20 5.78 -5.15 6.96
CA THR C 20 6.11 -3.86 6.37
C THR C 20 5.14 -2.80 6.90
N LEU C 21 5.70 -1.69 7.38
CA LEU C 21 4.94 -0.58 7.94
C LEU C 21 5.30 0.69 7.20
N SER C 22 4.29 1.42 6.73
CA SER C 22 4.48 2.63 5.93
C SER C 22 4.17 3.87 6.76
N CYS C 23 4.93 4.93 6.52
CA CYS C 23 4.74 6.22 7.17
C CYS C 23 4.85 7.29 6.08
N ARG C 24 3.75 8.00 5.84
N ARG C 24 3.74 7.99 5.82
CA ARG C 24 3.68 9.00 4.78
CA ARG C 24 3.67 9.00 4.79
C ARG C 24 3.50 10.38 5.40
C ARG C 24 3.52 10.37 5.42
N ALA C 25 4.30 11.33 4.96
CA ALA C 25 4.25 12.70 5.46
C ALA C 25 3.48 13.59 4.49
N SER C 26 2.84 14.61 5.04
CA SER C 26 2.13 15.57 4.20
C SER C 26 3.09 16.50 3.47
N GLN C 27 4.25 16.76 4.05
CA GLN C 27 5.28 17.59 3.46
C GLN C 27 6.56 16.75 3.32
N SER C 28 7.64 17.40 2.91
CA SER C 28 8.92 16.72 2.73
C SER C 28 9.72 16.79 4.02
N VAL C 29 10.08 15.63 4.56
CA VAL C 29 10.90 15.56 5.77
C VAL C 29 12.34 15.87 5.40
N SER C 30 12.89 16.93 5.97
CA SER C 30 14.22 17.41 5.59
C SER C 30 15.30 16.43 6.08
N SER C 31 16.22 16.10 5.19
CA SER C 31 17.41 15.30 5.52
C SER C 31 17.05 13.93 6.07
N SER C 32 15.88 13.41 5.69
CA SER C 32 15.39 12.11 6.15
C SER C 32 15.44 11.99 7.67
N TYR C 33 15.04 13.07 8.34
CA TYR C 33 15.02 13.10 9.82
C TYR C 33 13.77 12.37 10.31
N LEU C 34 13.78 11.06 10.16
CA LEU C 34 12.66 10.21 10.51
C LEU C 34 13.14 9.13 11.48
N ALA C 35 12.32 8.82 12.47
CA ALA C 35 12.66 7.84 13.49
C ALA C 35 11.49 6.90 13.71
N TRP C 36 11.80 5.66 14.07
CA TRP C 36 10.83 4.63 14.37
C TRP C 36 11.03 4.15 15.80
N TYR C 37 9.94 4.14 16.57
CA TYR C 37 9.92 3.71 17.97
C TYR C 37 8.95 2.55 18.15
N GLN C 38 9.28 1.66 19.08
CA GLN C 38 8.44 0.54 19.46
C GLN C 38 7.93 0.74 20.88
N GLN C 39 6.64 0.50 21.09
CA GLN C 39 6.03 0.61 22.41
C GLN C 39 5.18 -0.63 22.68
N LYS C 40 5.43 -1.26 23.80
CA LYS C 40 4.68 -2.37 24.34
C LYS C 40 3.79 -1.89 25.49
N PRO C 41 2.67 -2.57 25.75
CA PRO C 41 1.72 -2.07 26.75
C PRO C 41 2.35 -1.99 28.14
N GLY C 42 2.25 -0.82 28.75
CA GLY C 42 2.71 -0.59 30.10
C GLY C 42 4.11 0.00 30.20
N GLN C 43 4.85 0.08 29.11
CA GLN C 43 6.23 0.55 29.14
C GLN C 43 6.41 1.71 28.18
N ALA C 44 7.55 2.38 28.33
CA ALA C 44 7.88 3.55 27.54
C ALA C 44 8.28 3.15 26.12
N PRO C 45 8.22 4.09 25.18
CA PRO C 45 8.67 3.80 23.82
C PRO C 45 10.15 3.40 23.79
N ARG C 46 10.53 2.68 22.74
CA ARG C 46 11.89 2.17 22.57
C ARG C 46 12.36 2.56 21.18
N LEU C 47 13.40 3.39 21.12
CA LEU C 47 13.93 3.86 19.84
C LEU C 47 14.50 2.70 19.05
N LEU C 48 13.89 2.40 17.90
CA LEU C 48 14.40 1.38 16.99
C LEU C 48 15.33 1.99 15.94
N ILE C 49 14.78 2.88 15.10
CA ILE C 49 15.50 3.39 13.95
C ILE C 49 15.57 4.92 14.04
N TYR C 50 16.71 5.49 13.68
CA TYR C 50 16.84 6.93 13.54
C TYR C 50 17.50 7.24 12.20
N GLY C 51 17.28 8.46 11.72
CA GLY C 51 17.80 8.84 10.43
C GLY C 51 17.21 8.09 9.27
N ALA C 52 15.99 7.56 9.42
CA ALA C 52 15.23 6.84 8.41
C ALA C 52 15.83 5.49 8.04
N SER C 53 16.94 5.07 8.66
CA SER C 53 17.54 3.78 8.32
C SER C 53 18.45 3.27 9.43
N SER C 54 19.14 4.17 10.12
CA SER C 54 20.13 3.77 11.10
C SER C 54 19.46 3.19 12.34
N ARG C 55 19.93 2.02 12.77
CA ARG C 55 19.37 1.37 13.94
C ARG C 55 20.01 1.89 15.21
N ALA C 56 19.22 1.95 16.28
CA ALA C 56 19.74 2.38 17.57
C ALA C 56 20.68 1.33 18.12
N THR C 57 21.46 1.73 19.14
CA THR C 57 22.44 0.83 19.73
C THR C 57 21.77 -0.41 20.30
N GLY C 58 22.11 -1.57 19.76
CA GLY C 58 21.61 -2.84 20.21
C GLY C 58 20.47 -3.41 19.38
N ILE C 59 19.77 -2.56 18.63
CA ILE C 59 18.59 -3.03 17.87
C ILE C 59 19.03 -4.10 16.88
N PRO C 60 18.36 -5.25 16.82
CA PRO C 60 18.79 -6.31 15.89
C PRO C 60 18.60 -5.89 14.44
N ASP C 61 19.43 -6.48 13.57
CA ASP C 61 19.43 -6.16 12.14
C ASP C 61 18.19 -6.67 11.42
N ARG C 62 17.29 -7.40 12.08
CA ARG C 62 16.04 -7.79 11.43
C ARG C 62 15.09 -6.61 11.27
N PHE C 63 15.33 -5.50 11.96
CA PHE C 63 14.64 -4.25 11.71
C PHE C 63 15.43 -3.44 10.70
N SER C 64 14.75 -2.90 9.68
CA SER C 64 15.43 -2.09 8.68
C SER C 64 14.51 -0.98 8.22
N GLY C 65 15.02 0.26 8.25
CA GLY C 65 14.27 1.42 7.81
C GLY C 65 14.77 1.93 6.48
N SER C 66 13.87 2.48 5.67
CA SER C 66 14.25 3.09 4.41
C SER C 66 13.24 4.19 4.07
N GLY C 67 13.56 4.96 3.04
CA GLY C 67 12.67 5.98 2.53
C GLY C 67 13.23 7.37 2.72
N SER C 68 12.52 8.33 2.13
CA SER C 68 12.94 9.74 2.15
C SER C 68 11.81 10.58 1.61
N GLY C 69 11.83 11.87 1.96
CA GLY C 69 10.84 12.81 1.49
C GLY C 69 9.47 12.63 2.12
N THR C 70 8.57 11.95 1.41
CA THR C 70 7.21 11.74 1.87
C THR C 70 6.84 10.27 2.09
N ASP C 71 7.79 9.35 1.93
CA ASP C 71 7.50 7.93 2.08
C ASP C 71 8.61 7.27 2.88
N PHE C 72 8.24 6.59 3.96
CA PHE C 72 9.19 5.86 4.79
C PHE C 72 8.62 4.49 5.11
N THR C 73 9.50 3.52 5.30
CA THR C 73 9.09 2.13 5.48
C THR C 73 9.97 1.46 6.52
N LEU C 74 9.34 0.77 7.47
CA LEU C 74 10.02 -0.08 8.43
C LEU C 74 9.70 -1.53 8.10
N THR C 75 10.73 -2.34 7.90
CA THR C 75 10.58 -3.74 7.55
C THR C 75 11.15 -4.60 8.67
N ILE C 76 10.36 -5.57 9.11
CA ILE C 76 10.78 -6.56 10.09
C ILE C 76 10.78 -7.90 9.36
N SER C 77 11.98 -8.44 9.13
CA SER C 77 12.14 -9.69 8.38
C SER C 77 11.57 -10.87 9.16
N ARG C 78 12.38 -11.45 10.05
CA ARG C 78 11.92 -12.55 10.89
C ARG C 78 11.06 -11.97 12.01
N LEU C 79 9.75 -12.21 11.94
CA LEU C 79 8.85 -11.77 13.00
C LEU C 79 8.98 -12.72 14.19
N GLU C 80 9.30 -12.16 15.36
CA GLU C 80 9.42 -12.89 16.61
C GLU C 80 8.38 -12.38 17.59
N PRO C 81 8.00 -13.20 18.58
CA PRO C 81 6.96 -12.76 19.54
C PRO C 81 7.32 -11.48 20.27
N GLU C 82 8.61 -11.17 20.45
CA GLU C 82 8.99 -9.93 21.11
C GLU C 82 8.78 -8.70 20.23
N ASP C 83 8.52 -8.88 18.94
CA ASP C 83 8.34 -7.77 18.02
C ASP C 83 6.88 -7.33 17.88
N PHE C 84 5.94 -8.10 18.42
CA PHE C 84 4.54 -7.76 18.32
C PHE C 84 4.21 -6.68 19.34
N ALA C 85 3.91 -5.47 18.86
CA ALA C 85 3.59 -4.33 19.71
C ALA C 85 3.01 -3.20 18.88
N VAL C 86 3.17 -1.97 19.33
CA VAL C 86 2.76 -0.78 18.59
C VAL C 86 4.01 -0.07 18.11
N TYR C 87 3.94 0.51 16.90
CA TYR C 87 5.07 1.22 16.34
C TYR C 87 4.67 2.62 15.93
N TYR C 88 5.58 3.57 16.13
CA TYR C 88 5.35 4.98 15.82
C TYR C 88 6.49 5.52 14.96
N CYS C 89 6.16 6.43 14.06
CA CYS C 89 7.15 7.19 13.31
C CYS C 89 7.09 8.65 13.72
N GLN C 90 8.26 9.26 13.87
CA GLN C 90 8.39 10.64 14.30
C GLN C 90 9.33 11.38 13.37
N GLN C 91 8.91 12.56 12.90
CA GLN C 91 9.77 13.40 12.09
C GLN C 91 10.34 14.51 12.95
N TYR C 92 11.63 14.82 12.71
CA TYR C 92 12.30 15.90 13.44
C TYR C 92 13.14 16.76 12.50
N GLY C 93 12.68 16.93 11.27
CA GLY C 93 13.34 17.83 10.33
C GLY C 93 12.98 19.28 10.59
N THR C 94 11.73 19.51 11.00
CA THR C 94 11.25 20.83 11.37
C THR C 94 11.29 20.97 12.89
N SER C 95 11.33 22.23 13.35
CA SER C 95 11.40 22.48 14.78
C SER C 95 10.16 21.96 15.51
N GLN C 96 9.02 21.89 14.83
CA GLN C 96 7.78 21.38 15.41
C GLN C 96 7.69 19.88 15.12
N SER C 97 8.33 19.08 15.96
CA SER C 97 8.34 17.64 15.75
C SER C 97 6.95 17.04 15.99
N THR C 98 6.59 16.07 15.16
CA THR C 98 5.27 15.43 15.23
C THR C 98 5.43 13.93 15.23
N PHE C 99 4.34 13.25 15.60
CA PHE C 99 4.28 11.79 15.62
C PHE C 99 3.18 11.31 14.69
N GLY C 100 3.30 10.05 14.26
CA GLY C 100 2.20 9.38 13.59
C GLY C 100 1.21 8.79 14.58
N GLN C 101 0.09 8.31 14.04
CA GLN C 101 -0.98 7.79 14.89
C GLN C 101 -0.68 6.38 15.40
N GLY C 102 0.29 5.69 14.82
CA GLY C 102 0.72 4.40 15.30
C GLY C 102 0.15 3.26 14.46
N THR C 103 0.81 2.11 14.57
CA THR C 103 0.38 0.89 13.90
C THR C 103 0.58 -0.28 14.87
N ARG C 104 -0.50 -0.98 15.20
CA ARG C 104 -0.44 -2.11 16.11
C ARG C 104 -0.14 -3.38 15.31
N LEU C 105 0.98 -4.01 15.62
CA LEU C 105 1.37 -5.28 15.01
C LEU C 105 0.83 -6.40 15.88
N GLU C 106 -0.22 -7.07 15.42
CA GLU C 106 -0.92 -8.11 16.16
C GLU C 106 -0.46 -9.49 15.72
N ILE C 107 -0.44 -10.43 16.67
CA ILE C 107 -0.13 -11.82 16.35
C ILE C 107 -1.31 -12.45 15.61
N LYS C 108 -1.00 -13.22 14.57
CA LYS C 108 -2.02 -13.87 13.76
C LYS C 108 -2.03 -15.36 14.09
N ARG C 109 -3.22 -15.90 14.35
CA ARG C 109 -3.37 -17.29 14.72
C ARG C 109 -4.71 -17.79 14.19
N THR C 110 -5.07 -19.00 14.59
CA THR C 110 -6.30 -19.63 14.16
C THR C 110 -7.50 -19.04 14.89
N VAL C 111 -8.67 -19.12 14.24
CA VAL C 111 -9.90 -18.65 14.85
C VAL C 111 -10.19 -19.46 16.10
N ALA C 112 -10.49 -18.77 17.20
CA ALA C 112 -10.78 -19.40 18.48
C ALA C 112 -12.08 -18.84 19.03
N ALA C 113 -13.01 -19.73 19.34
CA ALA C 113 -14.30 -19.28 19.87
C ALA C 113 -14.18 -19.01 21.36
N PRO C 114 -14.80 -17.94 21.86
CA PRO C 114 -14.69 -17.60 23.28
C PRO C 114 -15.52 -18.53 24.16
N SER C 115 -15.12 -18.59 25.42
CA SER C 115 -15.90 -19.27 26.46
C SER C 115 -16.73 -18.21 27.18
N VAL C 116 -18.05 -18.36 27.15
CA VAL C 116 -18.96 -17.34 27.65
C VAL C 116 -19.45 -17.75 29.03
N PHE C 117 -19.22 -16.90 30.02
CA PHE C 117 -19.73 -17.07 31.37
C PHE C 117 -20.50 -15.83 31.79
N ILE C 118 -21.48 -16.00 32.67
CA ILE C 118 -22.30 -14.89 33.15
C ILE C 118 -22.40 -14.97 34.67
N PHE C 119 -22.07 -13.86 35.33
CA PHE C 119 -22.03 -13.76 36.78
C PHE C 119 -23.07 -12.75 37.26
N PRO C 120 -24.04 -13.18 38.06
CA PRO C 120 -25.04 -12.25 38.59
C PRO C 120 -24.43 -11.35 39.65
N PRO C 121 -25.13 -10.28 40.03
CA PRO C 121 -24.60 -9.42 41.10
C PRO C 121 -24.63 -10.14 42.44
N SER C 122 -23.58 -9.92 43.23
CA SER C 122 -23.50 -10.51 44.56
C SER C 122 -24.51 -9.85 45.49
N ASP C 123 -25.03 -10.65 46.43
CA ASP C 123 -26.01 -10.15 47.40
C ASP C 123 -25.44 -9.03 48.26
N GLU C 124 -24.10 -8.95 48.37
CA GLU C 124 -23.50 -7.85 49.11
C GLU C 124 -23.66 -6.52 48.38
N GLN C 125 -23.67 -6.55 47.04
CA GLN C 125 -23.78 -5.31 46.28
C GLN C 125 -25.23 -4.86 46.17
N LEU C 126 -26.17 -5.79 46.16
CA LEU C 126 -27.58 -5.43 46.12
C LEU C 126 -28.00 -4.62 47.35
N LYS C 127 -27.30 -4.80 48.47
CA LYS C 127 -27.60 -3.99 49.65
C LYS C 127 -27.28 -2.52 49.41
N SER C 128 -26.36 -2.23 48.50
CA SER C 128 -26.01 -0.85 48.19
C SER C 128 -27.00 -0.17 47.25
N GLY C 129 -27.86 -0.94 46.60
CA GLY C 129 -28.82 -0.39 45.66
C GLY C 129 -28.45 -0.46 44.20
N THR C 130 -27.43 -1.22 43.84
N THR C 130 -27.40 -1.20 43.85
CA THR C 130 -26.96 -1.32 42.47
CA THR C 130 -26.97 -1.33 42.46
C THR C 130 -26.61 -2.78 42.15
C THR C 130 -26.64 -2.79 42.17
N ALA C 131 -27.05 -3.25 40.99
CA ALA C 131 -26.79 -4.61 40.54
C ALA C 131 -25.88 -4.57 39.33
N SER C 132 -24.77 -5.32 39.40
N SER C 132 -24.78 -5.33 39.40
CA SER C 132 -23.79 -5.38 38.33
CA SER C 132 -23.78 -5.39 38.34
C SER C 132 -23.69 -6.81 37.82
C SER C 132 -23.70 -6.82 37.82
N VAL C 133 -24.05 -7.00 36.54
CA VAL C 133 -23.99 -8.32 35.89
C VAL C 133 -22.77 -8.34 34.99
N VAL C 134 -22.03 -9.44 34.99
CA VAL C 134 -20.76 -9.52 34.27
C VAL C 134 -20.81 -10.66 33.26
N CYS C 135 -20.53 -10.35 32.01
CA CYS C 135 -20.43 -11.34 30.95
C CYS C 135 -18.97 -11.44 30.53
N LEU C 136 -18.39 -12.62 30.68
CA LEU C 136 -16.98 -12.87 30.40
C LEU C 136 -16.84 -13.72 29.14
N LEU C 137 -16.05 -13.22 28.20
CA LEU C 137 -15.70 -13.94 26.97
C LEU C 137 -14.21 -14.28 27.08
N ASN C 138 -13.91 -15.55 27.33
CA ASN C 138 -12.56 -16.00 27.63
C ASN C 138 -11.88 -16.57 26.39
N ASN C 139 -10.71 -16.02 26.07
CA ASN C 139 -9.77 -16.54 25.08
C ASN C 139 -10.41 -16.74 23.70
N PHE C 140 -10.53 -15.66 22.94
CA PHE C 140 -11.05 -15.73 21.58
C PHE C 140 -10.09 -15.02 20.63
N TYR C 141 -10.22 -15.36 19.34
CA TYR C 141 -9.46 -14.74 18.27
C TYR C 141 -10.29 -14.90 17.01
N PRO C 142 -10.42 -13.86 16.19
CA PRO C 142 -9.80 -12.53 16.34
C PRO C 142 -10.42 -11.66 17.43
N ARG C 143 -9.88 -10.44 17.60
CA ARG C 143 -10.31 -9.54 18.64
C ARG C 143 -11.75 -9.06 18.47
N GLU C 144 -12.28 -9.14 17.25
CA GLU C 144 -13.61 -8.61 16.98
C GLU C 144 -14.68 -9.50 17.61
N ALA C 145 -15.49 -8.91 18.49
CA ALA C 145 -16.59 -9.64 19.13
C ALA C 145 -17.63 -8.62 19.57
N LYS C 146 -18.90 -8.99 19.43
CA LYS C 146 -20.01 -8.12 19.80
C LYS C 146 -20.83 -8.76 20.91
N VAL C 147 -21.21 -7.96 21.89
CA VAL C 147 -21.94 -8.41 23.07
C VAL C 147 -23.23 -7.61 23.19
N GLN C 148 -24.35 -8.31 23.40
CA GLN C 148 -25.66 -7.70 23.57
C GLN C 148 -26.28 -8.15 24.89
N TRP C 149 -26.76 -7.20 25.68
CA TRP C 149 -27.44 -7.50 26.92
C TRP C 149 -28.95 -7.57 26.70
N LYS C 150 -29.60 -8.53 27.35
CA LYS C 150 -31.05 -8.71 27.27
C LYS C 150 -31.60 -8.86 28.68
N VAL C 151 -32.29 -7.84 29.15
CA VAL C 151 -32.99 -7.87 30.43
C VAL C 151 -34.45 -8.15 30.13
N ASP C 152 -34.90 -9.36 30.45
CA ASP C 152 -36.23 -9.85 30.06
C ASP C 152 -36.43 -9.69 28.56
N ASN C 153 -35.47 -10.22 27.80
CA ASN C 153 -35.49 -10.28 26.33
C ASN C 153 -35.31 -8.91 25.68
N ALA C 154 -35.70 -7.85 26.39
CA ALA C 154 -35.57 -6.50 25.86
C ALA C 154 -34.11 -6.08 25.81
N LEU C 155 -33.65 -5.66 24.63
CA LEU C 155 -32.26 -5.26 24.47
C LEU C 155 -31.95 -4.00 25.27
N GLN C 156 -30.71 -3.90 25.73
CA GLN C 156 -30.24 -2.78 26.53
C GLN C 156 -29.35 -1.87 25.70
N SER C 157 -29.18 -0.63 26.18
CA SER C 157 -28.36 0.36 25.49
C SER C 157 -27.96 1.45 26.46
N GLY C 158 -26.68 1.84 26.41
CA GLY C 158 -26.20 2.95 27.19
C GLY C 158 -26.07 2.71 28.67
N ASN C 159 -26.08 1.45 29.12
CA ASN C 159 -25.95 1.15 30.54
C ASN C 159 -24.97 0.02 30.78
N SER C 160 -24.03 -0.19 29.86
CA SER C 160 -23.02 -1.23 30.01
C SER C 160 -21.67 -0.70 29.53
N GLN C 161 -20.61 -1.25 30.11
CA GLN C 161 -19.25 -0.89 29.73
C GLN C 161 -18.41 -2.15 29.66
N GLU C 162 -17.57 -2.25 28.62
CA GLU C 162 -16.78 -3.45 28.40
C GLU C 162 -15.31 -3.11 28.26
N SER C 163 -14.46 -4.07 28.65
CA SER C 163 -13.02 -3.94 28.61
C SER C 163 -12.41 -5.17 27.95
N VAL C 164 -11.29 -4.98 27.28
CA VAL C 164 -10.62 -6.04 26.53
C VAL C 164 -9.16 -6.11 26.98
N THR C 165 -8.70 -7.31 27.31
CA THR C 165 -7.31 -7.48 27.71
C THR C 165 -6.38 -7.37 26.50
N GLU C 166 -5.09 -7.22 26.80
CA GLU C 166 -4.08 -7.28 25.76
C GLU C 166 -4.02 -8.69 25.18
N GLN C 167 -3.32 -8.82 24.05
CA GLN C 167 -3.15 -10.12 23.43
C GLN C 167 -2.31 -11.02 24.33
N ASP C 168 -2.83 -12.21 24.62
CA ASP C 168 -2.17 -13.12 25.54
C ASP C 168 -0.86 -13.63 24.96
N SER C 169 0.20 -13.60 25.76
CA SER C 169 1.53 -14.02 25.33
C SER C 169 1.70 -15.54 25.26
N LYS C 170 0.69 -16.31 25.63
CA LYS C 170 0.78 -17.77 25.62
C LYS C 170 0.02 -18.43 24.48
N ASP C 171 -1.15 -17.89 24.11
CA ASP C 171 -1.97 -18.46 23.04
C ASP C 171 -2.51 -17.40 22.09
N SER C 172 -2.10 -16.14 22.24
CA SER C 172 -2.44 -15.08 21.30
C SER C 172 -3.95 -14.86 21.19
N THR C 173 -4.65 -15.03 22.30
CA THR C 173 -6.09 -14.83 22.36
C THR C 173 -6.42 -13.57 23.16
N TYR C 174 -7.67 -13.15 23.06
CA TYR C 174 -8.18 -11.98 23.76
C TYR C 174 -9.29 -12.40 24.72
N SER C 175 -9.47 -11.61 25.77
CA SER C 175 -10.56 -11.81 26.72
C SER C 175 -11.31 -10.49 26.88
N LEU C 176 -12.64 -10.59 27.05
CA LEU C 176 -13.50 -9.42 27.15
C LEU C 176 -14.39 -9.57 28.38
N SER C 177 -14.63 -8.45 29.06
CA SER C 177 -15.55 -8.43 30.19
C SER C 177 -16.54 -7.28 29.99
N SER C 178 -17.83 -7.60 29.94
CA SER C 178 -18.89 -6.61 29.80
C SER C 178 -19.65 -6.52 31.11
N THR C 179 -19.75 -5.32 31.66
CA THR C 179 -20.44 -5.06 32.92
C THR C 179 -21.69 -4.25 32.63
N LEU C 180 -22.85 -4.84 32.92
CA LEU C 180 -24.14 -4.17 32.86
C LEU C 180 -24.50 -3.68 34.25
N THR C 181 -24.92 -2.43 34.35
CA THR C 181 -25.18 -1.79 35.64
C THR C 181 -26.63 -1.35 35.70
N LEU C 182 -27.36 -1.81 36.71
CA LEU C 182 -28.77 -1.50 36.89
C LEU C 182 -29.00 -1.07 38.33
N SER C 183 -30.16 -0.45 38.56
CA SER C 183 -30.54 -0.09 39.93
C SER C 183 -31.09 -1.31 40.65
N LYS C 184 -31.40 -1.15 41.94
CA LYS C 184 -31.90 -2.28 42.72
C LYS C 184 -33.32 -2.64 42.30
N ALA C 185 -34.21 -1.64 42.19
CA ALA C 185 -35.59 -1.92 41.82
C ALA C 185 -35.70 -2.42 40.38
N ASP C 186 -34.90 -1.84 39.48
CA ASP C 186 -34.91 -2.30 38.10
C ASP C 186 -34.42 -3.74 37.99
N TYR C 187 -33.51 -4.15 38.89
CA TYR C 187 -33.06 -5.54 38.89
C TYR C 187 -34.09 -6.48 39.51
N GLU C 188 -34.68 -6.08 40.63
CA GLU C 188 -35.71 -6.91 41.27
C GLU C 188 -37.00 -6.96 40.46
N LYS C 189 -37.18 -6.07 39.48
CA LYS C 189 -38.39 -6.10 38.67
C LYS C 189 -38.33 -7.20 37.61
N HIS C 190 -37.17 -7.41 37.01
CA HIS C 190 -37.02 -8.37 35.92
C HIS C 190 -36.47 -9.70 36.45
N LYS C 191 -36.67 -10.75 35.65
CA LYS C 191 -36.32 -12.11 36.03
C LYS C 191 -35.18 -12.69 35.21
N VAL C 192 -35.27 -12.64 33.88
CA VAL C 192 -34.28 -13.27 33.01
C VAL C 192 -33.24 -12.25 32.60
N TYR C 193 -31.96 -12.61 32.74
CA TYR C 193 -30.86 -11.75 32.35
C TYR C 193 -29.92 -12.55 31.47
N ALA C 194 -29.70 -12.09 30.24
CA ALA C 194 -28.94 -12.84 29.26
C ALA C 194 -27.91 -11.94 28.59
N CYS C 195 -26.81 -12.56 28.16
CA CYS C 195 -25.82 -11.88 27.35
CA CYS C 195 -25.79 -11.90 27.38
C CYS C 195 -25.52 -12.73 26.14
N GLU C 196 -25.65 -12.12 24.96
CA GLU C 196 -25.49 -12.77 23.68
C GLU C 196 -24.18 -12.33 23.03
N VAL C 197 -23.48 -13.28 22.43
CA VAL C 197 -22.14 -13.08 21.91
C VAL C 197 -22.13 -13.46 20.43
N THR C 198 -21.60 -12.56 19.59
CA THR C 198 -21.34 -12.84 18.19
C THR C 198 -19.84 -12.69 17.94
N HIS C 199 -19.24 -13.71 17.34
CA HIS C 199 -17.81 -13.73 17.10
C HIS C 199 -17.54 -14.54 15.83
N GLN C 200 -16.56 -14.09 15.05
CA GLN C 200 -16.23 -14.75 13.79
C GLN C 200 -15.62 -16.13 14.04
N GLY C 201 -16.43 -17.04 14.59
CA GLY C 201 -15.95 -18.36 14.93
C GLY C 201 -17.02 -19.15 15.66
N LEU C 202 -18.25 -18.63 15.68
CA LEU C 202 -19.40 -19.27 16.30
C LEU C 202 -20.46 -19.52 15.25
N SER C 203 -20.89 -20.78 15.13
CA SER C 203 -21.97 -21.11 14.19
C SER C 203 -23.27 -20.41 14.56
N SER C 204 -23.42 -19.99 15.81
CA SER C 204 -24.62 -19.30 16.28
C SER C 204 -24.22 -18.35 17.38
N PRO C 205 -24.92 -17.22 17.53
CA PRO C 205 -24.64 -16.32 18.66
C PRO C 205 -24.88 -17.04 19.98
N VAL C 206 -23.87 -17.04 20.83
CA VAL C 206 -23.93 -17.80 22.08
C VAL C 206 -24.65 -16.95 23.14
N THR C 207 -25.75 -17.48 23.66
CA THR C 207 -26.53 -16.80 24.68
C THR C 207 -26.30 -17.46 26.03
N LYS C 208 -25.96 -16.66 27.04
CA LYS C 208 -25.84 -17.14 28.42
C LYS C 208 -26.83 -16.37 29.28
N SER C 209 -27.79 -17.08 29.86
CA SER C 209 -28.87 -16.46 30.61
C SER C 209 -29.00 -17.10 31.99
N PHE C 210 -29.42 -16.28 32.96
CA PHE C 210 -29.73 -16.76 34.29
C PHE C 210 -31.02 -16.11 34.76
N ASN C 211 -31.56 -16.64 35.86
CA ASN C 211 -32.77 -16.13 36.48
C ASN C 211 -32.44 -15.58 37.85
N ARG C 212 -33.06 -14.44 38.19
CA ARG C 212 -32.84 -13.82 39.48
C ARG C 212 -33.45 -14.68 40.58
N GLY C 213 -32.62 -15.13 41.51
CA GLY C 213 -33.05 -15.99 42.60
C GLY C 213 -32.43 -17.36 42.62
N GLU C 214 -31.56 -17.70 41.67
CA GLU C 214 -30.93 -19.01 41.62
C GLU C 214 -29.53 -18.90 41.03
N GLN D 1 23.92 3.82 30.98
CA GLN D 1 24.84 4.95 30.90
C GLN D 1 24.12 6.27 31.16
N VAL D 2 22.82 6.31 30.84
CA VAL D 2 21.98 7.48 31.03
C VAL D 2 20.63 7.01 31.52
N GLN D 3 20.22 7.49 32.70
CA GLN D 3 18.91 7.16 33.27
C GLN D 3 18.14 8.43 33.56
N LEU D 4 16.81 8.34 33.46
CA LEU D 4 15.91 9.45 33.73
C LEU D 4 14.86 9.00 34.72
N VAL D 5 14.83 9.64 35.88
CA VAL D 5 13.85 9.34 36.93
C VAL D 5 12.90 10.52 37.05
N GLN D 6 11.61 10.26 36.89
CA GLN D 6 10.58 11.29 36.96
C GLN D 6 9.95 11.32 38.35
N SER D 7 9.05 12.27 38.55
CA SER D 7 8.33 12.41 39.80
C SER D 7 7.14 11.45 39.84
N GLY D 8 6.58 11.28 41.03
CA GLY D 8 5.46 10.38 41.20
C GLY D 8 4.19 10.90 40.54
N ALA D 9 3.20 10.01 40.42
CA ALA D 9 1.93 10.38 39.82
C ALA D 9 1.22 11.42 40.68
N GLU D 10 0.46 12.28 40.01
CA GLU D 10 -0.25 13.35 40.69
C GLU D 10 -1.69 13.41 40.20
N VAL D 11 -2.57 13.89 41.06
CA VAL D 11 -3.97 14.16 40.72
C VAL D 11 -4.17 15.66 40.81
N LYS D 12 -4.64 16.26 39.72
CA LYS D 12 -4.79 17.70 39.64
C LYS D 12 -6.24 18.07 39.36
N LYS D 13 -6.63 19.26 39.81
CA LYS D 13 -7.96 19.83 39.64
C LYS D 13 -8.01 20.62 38.33
N PRO D 14 -9.13 20.58 37.62
CA PRO D 14 -9.25 21.34 36.37
C PRO D 14 -9.06 22.83 36.61
N GLY D 15 -8.02 23.39 35.98
CA GLY D 15 -7.68 24.78 36.13
C GLY D 15 -6.42 25.03 36.94
N SER D 16 -5.90 24.01 37.62
CA SER D 16 -4.69 24.15 38.42
C SER D 16 -3.47 23.96 37.51
N SER D 17 -2.30 23.82 38.13
CA SER D 17 -1.05 23.65 37.39
C SER D 17 -0.21 22.57 38.08
N VAL D 18 0.55 21.85 37.28
CA VAL D 18 1.39 20.74 37.75
C VAL D 18 2.78 20.90 37.16
N LYS D 19 3.80 20.60 37.97
CA LYS D 19 5.20 20.67 37.54
C LYS D 19 5.83 19.29 37.70
N VAL D 20 6.19 18.67 36.59
CA VAL D 20 6.79 17.33 36.56
C VAL D 20 8.29 17.49 36.41
N SER D 21 9.04 16.71 37.18
CA SER D 21 10.51 16.77 37.16
C SER D 21 11.08 15.58 36.41
N CYS D 22 12.39 15.65 36.15
CA CYS D 22 13.09 14.60 35.40
C CYS D 22 14.57 14.72 35.72
N LYS D 23 15.06 13.85 36.60
CA LYS D 23 16.45 13.88 37.02
C LYS D 23 17.27 12.96 36.13
N ALA D 24 18.33 13.52 35.53
CA ALA D 24 19.24 12.77 34.68
C ALA D 24 20.37 12.20 35.52
N SER D 25 20.60 10.89 35.41
CA SER D 25 21.59 10.19 36.21
C SER D 25 22.74 9.65 35.36
N GLY D 26 23.21 10.46 34.41
CA GLY D 26 24.31 10.04 33.57
C GLY D 26 24.56 10.96 32.40
N GLY D 27 25.76 10.87 31.82
CA GLY D 27 26.10 11.67 30.65
C GLY D 27 26.19 13.15 30.98
N THR D 28 26.53 13.92 29.95
CA THR D 28 26.60 15.37 30.09
C THR D 28 25.19 15.95 30.00
N PHE D 29 24.77 16.66 31.03
CA PHE D 29 23.42 17.19 31.10
C PHE D 29 23.27 18.51 30.35
N SER D 30 24.38 19.24 30.13
CA SER D 30 24.29 20.61 29.64
C SER D 30 23.94 20.68 28.16
N SER D 31 24.65 19.94 27.32
CA SER D 31 24.52 20.13 25.88
C SER D 31 23.80 18.97 25.19
N TYR D 32 22.67 18.54 25.74
CA TYR D 32 21.88 17.49 25.13
C TYR D 32 20.40 17.83 25.26
N ALA D 33 19.66 17.62 24.17
CA ALA D 33 18.26 18.02 24.13
C ALA D 33 17.39 17.05 24.92
N ILE D 34 16.52 17.60 25.76
CA ILE D 34 15.59 16.83 26.57
C ILE D 34 14.19 17.26 26.19
N SER D 35 13.33 16.31 25.84
CA SER D 35 11.99 16.60 25.37
C SER D 35 10.94 15.97 26.30
N TRP D 36 9.70 16.42 26.13
CA TRP D 36 8.57 15.92 26.93
C TRP D 36 7.47 15.46 25.98
N VAL D 37 7.06 14.20 26.13
CA VAL D 37 6.04 13.60 25.27
C VAL D 37 4.97 12.99 26.16
N ARG D 38 3.70 13.27 25.84
CA ARG D 38 2.57 12.76 26.60
C ARG D 38 1.76 11.78 25.75
N GLN D 39 0.99 10.93 26.44
CA GLN D 39 0.20 9.91 25.76
C GLN D 39 -1.09 9.71 26.53
N ALA D 40 -2.21 10.13 25.93
CA ALA D 40 -3.52 9.97 26.56
C ALA D 40 -3.89 8.49 26.61
N PRO D 41 -4.83 8.11 27.49
CA PRO D 41 -5.26 6.72 27.56
C PRO D 41 -5.78 6.23 26.21
N GLY D 42 -5.12 5.20 25.67
CA GLY D 42 -5.52 4.62 24.40
C GLY D 42 -5.21 5.46 23.18
N GLN D 43 -4.36 6.47 23.31
CA GLN D 43 -4.01 7.36 22.22
C GLN D 43 -2.51 7.25 21.92
N GLY D 44 -2.02 8.14 21.07
CA GLY D 44 -0.65 8.09 20.60
C GLY D 44 0.26 9.09 21.29
N LEU D 45 1.52 9.07 20.85
CA LEU D 45 2.52 9.98 21.37
C LEU D 45 2.32 11.38 20.80
N GLU D 46 2.67 12.38 21.61
CA GLU D 46 2.59 13.78 21.20
C GLU D 46 3.76 14.54 21.78
N TRP D 47 4.64 15.05 20.91
CA TRP D 47 5.76 15.86 21.36
C TRP D 47 5.26 17.20 21.86
N MET D 48 5.62 17.54 23.10
CA MET D 48 5.15 18.78 23.71
C MET D 48 6.19 19.90 23.67
N GLY D 49 7.47 19.56 23.70
CA GLY D 49 8.50 20.58 23.70
C GLY D 49 9.83 19.97 24.09
N GLY D 50 10.87 20.78 23.96
CA GLY D 50 12.21 20.34 24.26
C GLY D 50 13.06 21.51 24.71
N ILE D 51 14.10 21.19 25.48
CA ILE D 51 14.97 22.21 26.06
C ILE D 51 16.43 21.78 25.90
N ILE D 52 17.30 22.78 25.74
CA ILE D 52 18.75 22.56 25.75
C ILE D 52 19.31 23.26 26.97
N PRO D 53 19.69 22.53 28.02
CA PRO D 53 20.02 23.17 29.30
C PRO D 53 21.19 24.14 29.24
N ILE D 54 22.02 24.10 28.20
CA ILE D 54 23.13 25.04 28.10
C ILE D 54 22.61 26.46 27.92
N PHE D 55 21.53 26.63 27.16
CA PHE D 55 20.91 27.92 26.94
C PHE D 55 19.64 28.04 27.78
N GLY D 56 18.96 29.18 27.62
CA GLY D 56 17.63 29.33 28.19
C GLY D 56 16.58 29.03 27.14
N THR D 57 16.98 28.30 26.11
CA THR D 57 16.07 27.97 25.01
C THR D 57 14.91 27.10 25.51
N ALA D 58 13.87 27.04 24.68
CA ALA D 58 12.69 26.27 25.00
C ALA D 58 11.82 26.10 23.77
N ASN D 59 12.13 25.09 22.95
CA ASN D 59 11.34 24.82 21.76
C ASN D 59 9.98 24.28 22.18
N TYR D 60 8.93 25.08 21.99
CA TYR D 60 7.59 24.75 22.43
C TYR D 60 6.73 24.31 21.25
N ALA D 61 5.88 23.31 21.48
CA ALA D 61 4.90 22.93 20.48
C ALA D 61 3.83 24.00 20.35
N GLN D 62 3.48 24.33 19.10
CA GLN D 62 2.51 25.39 18.85
C GLN D 62 1.15 25.07 19.48
N LYS D 63 0.74 23.81 19.43
CA LYS D 63 -0.61 23.44 19.84
C LYS D 63 -0.94 23.93 21.24
N PHE D 64 -0.02 23.74 22.19
CA PHE D 64 -0.32 24.13 23.57
C PHE D 64 -0.41 25.63 23.73
N GLN D 65 0.47 26.38 23.04
CA GLN D 65 0.36 27.83 22.92
C GLN D 65 0.25 28.55 24.27
N GLY D 66 1.37 28.64 24.98
CA GLY D 66 1.37 29.40 26.23
C GLY D 66 0.85 28.65 27.43
N ARG D 67 0.96 27.31 27.45
CA ARG D 67 0.60 26.53 28.63
C ARG D 67 1.72 25.64 29.13
N VAL D 68 2.79 25.46 28.36
CA VAL D 68 3.91 24.60 28.73
C VAL D 68 5.10 25.48 29.05
N THR D 69 5.73 25.23 30.19
CA THR D 69 6.95 25.93 30.60
C THR D 69 7.99 24.87 30.91
N ILE D 70 9.03 24.79 30.08
CA ILE D 70 10.08 23.81 30.24
C ILE D 70 11.32 24.54 30.77
N THR D 71 11.81 24.10 31.93
CA THR D 71 12.99 24.69 32.55
C THR D 71 13.97 23.58 32.88
N ALA D 72 15.23 23.96 33.09
CA ALA D 72 16.29 23.01 33.42
C ALA D 72 17.18 23.61 34.48
N ASP D 73 17.68 22.75 35.37
CA ASP D 73 18.58 23.15 36.44
C ASP D 73 19.86 22.34 36.33
N LYS D 74 20.97 23.02 36.01
CA LYS D 74 22.22 22.31 35.76
C LYS D 74 22.78 21.67 37.02
N SER D 75 22.52 22.26 38.20
CA SER D 75 23.10 21.76 39.44
C SER D 75 22.62 20.34 39.73
N THR D 76 21.31 20.17 39.89
CA THR D 76 20.73 18.86 40.16
C THR D 76 20.50 18.04 38.90
N SER D 77 20.85 18.58 37.73
CA SER D 77 20.67 17.88 36.44
C SER D 77 19.22 17.46 36.25
N THR D 78 18.29 18.36 36.58
CA THR D 78 16.87 18.08 36.55
C THR D 78 16.18 19.02 35.57
N ALA D 79 15.36 18.44 34.69
CA ALA D 79 14.53 19.20 33.76
C ALA D 79 13.09 19.16 34.25
N TYR D 80 12.39 20.29 34.10
CA TYR D 80 11.04 20.45 34.60
C TYR D 80 10.09 20.79 33.46
N MET D 81 8.92 20.17 33.47
CA MET D 81 7.80 20.53 32.60
C MET D 81 6.64 20.97 33.47
N GLU D 82 5.99 22.06 33.08
CA GLU D 82 4.90 22.63 33.86
C GLU D 82 3.74 22.94 32.92
N LEU D 83 2.57 22.39 33.24
CA LEU D 83 1.38 22.57 32.41
C LEU D 83 0.32 23.30 33.25
N SER D 84 0.01 24.53 32.85
CA SER D 84 -0.97 25.36 33.53
C SER D 84 -2.32 25.26 32.84
N SER D 85 -3.36 25.63 33.57
CA SER D 85 -4.75 25.60 33.08
C SER D 85 -5.12 24.19 32.60
N LEU D 86 -4.99 23.23 33.50
CA LEU D 86 -5.21 21.83 33.16
C LEU D 86 -6.68 21.58 32.83
N ARG D 87 -6.91 20.88 31.72
CA ARG D 87 -8.23 20.47 31.29
C ARG D 87 -8.34 18.95 31.37
N SER D 88 -9.55 18.44 31.11
N SER D 88 -9.54 18.44 31.10
CA SER D 88 -9.77 17.00 31.16
CA SER D 88 -9.77 17.00 31.16
C SER D 88 -8.99 16.27 30.07
C SER D 88 -9.00 16.27 30.07
N GLU D 89 -8.69 16.94 28.96
CA GLU D 89 -7.94 16.32 27.88
C GLU D 89 -6.45 16.24 28.16
N ASP D 90 -5.99 16.80 29.27
CA ASP D 90 -4.59 16.75 29.64
C ASP D 90 -4.25 15.53 30.50
N THR D 91 -5.22 14.68 30.80
CA THR D 91 -4.96 13.46 31.54
C THR D 91 -4.19 12.49 30.65
N ALA D 92 -2.93 12.21 31.03
CA ALA D 92 -2.07 11.38 30.21
C ALA D 92 -0.84 11.02 31.02
N VAL D 93 0.01 10.17 30.42
CA VAL D 93 1.32 9.83 30.97
C VAL D 93 2.35 10.73 30.30
N TYR D 94 3.11 11.46 31.11
CA TYR D 94 4.07 12.44 30.62
C TYR D 94 5.48 11.87 30.74
N TYR D 95 6.07 11.51 29.61
CA TYR D 95 7.42 10.98 29.58
C TYR D 95 8.44 12.09 29.33
N CYS D 96 9.63 11.91 29.88
CA CYS D 96 10.77 12.79 29.61
CA CYS D 96 10.77 12.79 29.65
C CYS D 96 11.82 11.99 28.88
N ALA D 97 12.22 12.49 27.71
CA ALA D 97 13.12 11.76 26.83
C ALA D 97 14.30 12.65 26.43
N ARG D 98 15.48 12.07 26.45
CA ARG D 98 16.70 12.73 26.02
C ARG D 98 17.18 12.09 24.72
N GLU D 99 17.72 12.91 23.82
CA GLU D 99 18.29 12.39 22.59
C GLU D 99 19.45 11.44 22.89
N GLY D 100 19.70 10.52 21.95
CA GLY D 100 20.74 9.54 22.14
C GLY D 100 22.11 10.07 21.80
N GLU D 101 23.13 9.32 22.23
CA GLU D 101 24.51 9.64 21.95
C GLU D 101 25.03 8.72 20.85
N GLY D 102 25.91 9.27 20.01
CA GLY D 102 26.55 8.51 18.96
C GLY D 102 27.81 7.82 19.46
N TRP D 103 28.77 7.66 18.55
CA TRP D 103 30.02 6.98 18.87
C TRP D 103 30.94 7.96 19.60
N PHE D 104 30.70 8.09 20.90
CA PHE D 104 31.48 8.96 21.79
C PHE D 104 31.48 10.40 21.29
N GLY D 105 30.34 11.05 21.45
CA GLY D 105 30.24 12.46 21.15
C GLY D 105 29.01 12.88 20.38
N LYS D 106 28.98 12.58 19.08
CA LYS D 106 27.97 13.09 18.16
C LYS D 106 26.56 12.79 18.67
N PRO D 107 25.80 13.81 19.05
CA PRO D 107 24.46 13.58 19.62
C PRO D 107 23.47 13.21 18.53
N LEU D 108 22.74 12.12 18.75
CA LEU D 108 21.62 11.79 17.89
C LEU D 108 20.51 12.81 18.09
N ARG D 109 19.43 12.65 17.31
CA ARG D 109 18.28 13.53 17.44
C ARG D 109 17.01 12.81 17.86
N ALA D 110 16.92 11.50 17.63
CA ALA D 110 15.77 10.75 18.09
C ALA D 110 15.86 10.51 19.61
N PHE D 111 14.74 10.12 20.19
CA PHE D 111 14.63 9.96 21.65
C PHE D 111 15.03 8.53 22.01
N GLU D 112 16.30 8.34 22.37
CA GLU D 112 16.78 7.02 22.75
C GLU D 112 16.51 6.69 24.22
N PHE D 113 16.72 7.65 25.11
CA PHE D 113 16.51 7.46 26.54
C PHE D 113 15.16 8.01 26.95
N TRP D 114 14.52 7.33 27.90
CA TRP D 114 13.17 7.69 28.33
C TRP D 114 13.02 7.48 29.83
N GLY D 115 12.15 8.29 30.43
CA GLY D 115 11.78 8.09 31.82
C GLY D 115 10.63 7.11 31.97
N GLN D 116 10.35 6.74 33.22
CA GLN D 116 9.29 5.78 33.49
C GLN D 116 7.92 6.34 33.20
N GLY D 117 7.76 7.67 33.19
CA GLY D 117 6.48 8.28 32.89
C GLY D 117 5.68 8.66 34.12
N THR D 118 5.22 9.91 34.17
CA THR D 118 4.41 10.42 35.27
C THR D 118 2.96 10.47 34.83
N VAL D 119 2.08 9.78 35.56
CA VAL D 119 0.65 9.76 35.26
C VAL D 119 0.01 10.99 35.91
N ILE D 120 -0.57 11.85 35.09
CA ILE D 120 -1.28 13.04 35.55
C ILE D 120 -2.76 12.85 35.28
N THR D 121 -3.56 12.86 36.33
CA THR D 121 -5.00 12.71 36.24
C THR D 121 -5.67 14.04 36.58
N VAL D 122 -6.55 14.49 35.70
CA VAL D 122 -7.25 15.76 35.87
C VAL D 122 -8.72 15.46 36.05
N SER D 123 -9.22 15.62 37.28
CA SER D 123 -10.63 15.46 37.58
C SER D 123 -10.89 16.03 38.97
N SER D 124 -12.16 16.34 39.23
CA SER D 124 -12.58 16.83 40.54
C SER D 124 -13.10 15.70 41.44
N ALA D 125 -12.84 14.45 41.08
CA ALA D 125 -13.31 13.32 41.87
C ALA D 125 -12.57 13.25 43.20
N SER D 126 -13.18 12.55 44.15
CA SER D 126 -12.65 12.39 45.49
C SER D 126 -11.96 11.04 45.63
N THR D 127 -10.88 11.03 46.42
CA THR D 127 -10.15 9.80 46.70
C THR D 127 -11.05 8.80 47.43
N LYS D 128 -11.47 7.75 46.74
CA LYS D 128 -12.40 6.78 47.27
C LYS D 128 -11.80 5.38 47.19
N GLY D 129 -12.15 4.55 48.18
CA GLY D 129 -11.71 3.18 48.20
C GLY D 129 -12.61 2.28 47.37
N PRO D 130 -12.06 1.19 46.85
CA PRO D 130 -12.84 0.30 45.99
C PRO D 130 -13.74 -0.61 46.81
N SER D 131 -14.72 -1.17 46.10
CA SER D 131 -15.66 -2.15 46.66
C SER D 131 -15.49 -3.46 45.89
N VAL D 132 -15.09 -4.51 46.60
CA VAL D 132 -14.76 -5.78 45.98
C VAL D 132 -15.95 -6.72 46.16
N PHE D 133 -16.51 -7.18 45.04
CA PHE D 133 -17.63 -8.10 45.05
C PHE D 133 -17.26 -9.38 44.30
N PRO D 134 -17.53 -10.55 44.87
CA PRO D 134 -17.08 -11.79 44.24
C PRO D 134 -17.96 -12.18 43.05
N LEU D 135 -17.31 -12.62 41.98
CA LEU D 135 -18.00 -13.22 40.84
C LEU D 135 -17.99 -14.73 41.06
N ALA D 136 -19.08 -15.24 41.63
CA ALA D 136 -19.13 -16.64 42.04
C ALA D 136 -19.05 -17.55 40.83
N PRO D 137 -18.31 -18.67 40.93
CA PRO D 137 -18.21 -19.58 39.80
C PRO D 137 -19.51 -20.35 39.55
N SER D 138 -19.72 -20.71 38.29
CA SER D 138 -20.89 -21.47 37.89
C SER D 138 -20.76 -22.94 38.27
N GLY D 145 -14.55 -29.50 32.34
CA GLY D 145 -14.00 -29.29 33.66
C GLY D 145 -13.28 -27.96 33.79
N THR D 146 -14.04 -26.87 33.66
CA THR D 146 -13.48 -25.52 33.72
C THR D 146 -14.52 -24.57 34.30
N ALA D 147 -14.13 -23.83 35.33
CA ALA D 147 -15.01 -22.88 35.99
C ALA D 147 -14.32 -21.53 36.06
N ALA D 148 -15.09 -20.46 35.80
CA ALA D 148 -14.58 -19.09 35.86
C ALA D 148 -15.08 -18.41 37.12
N LEU D 149 -14.18 -17.71 37.82
CA LEU D 149 -14.52 -16.95 39.00
C LEU D 149 -13.66 -15.70 39.04
N GLY D 150 -14.17 -14.66 39.70
CA GLY D 150 -13.44 -13.41 39.72
C GLY D 150 -13.95 -12.45 40.77
N CYS D 151 -13.41 -11.23 40.72
CA CYS D 151 -13.77 -10.17 41.65
CA CYS D 151 -13.76 -10.17 41.66
C CYS D 151 -13.98 -8.87 40.89
N LEU D 152 -15.03 -8.14 41.26
CA LEU D 152 -15.36 -6.85 40.66
C LEU D 152 -14.86 -5.74 41.58
N VAL D 153 -13.88 -4.99 41.09
CA VAL D 153 -13.28 -3.87 41.84
C VAL D 153 -13.96 -2.61 41.34
N LYS D 154 -15.08 -2.25 41.97
CA LYS D 154 -15.96 -1.20 41.48
C LYS D 154 -15.82 0.07 42.32
N ASP D 155 -15.93 1.22 41.65
CA ASP D 155 -15.98 2.52 42.29
C ASP D 155 -14.74 2.82 43.11
N TYR D 156 -13.67 3.29 42.46
CA TYR D 156 -12.48 3.72 43.17
C TYR D 156 -11.85 4.88 42.41
N PHE D 157 -11.06 5.67 43.14
CA PHE D 157 -10.34 6.81 42.56
C PHE D 157 -9.21 7.18 43.50
N PRO D 158 -8.01 7.48 42.98
CA PRO D 158 -7.70 7.40 41.55
C PRO D 158 -7.02 6.09 41.16
N GLU D 159 -6.56 6.01 39.91
CA GLU D 159 -5.77 4.87 39.48
C GLU D 159 -4.45 4.85 40.25
N PRO D 160 -3.82 3.66 40.37
CA PRO D 160 -4.30 2.36 39.92
C PRO D 160 -4.68 1.46 41.08
N VAL D 161 -4.97 0.19 40.76
CA VAL D 161 -5.15 -0.86 41.75
C VAL D 161 -4.39 -2.08 41.27
N THR D 162 -3.84 -2.84 42.22
CA THR D 162 -3.15 -4.08 41.95
C THR D 162 -3.98 -5.24 42.49
N VAL D 163 -4.29 -6.19 41.62
CA VAL D 163 -5.13 -7.34 41.96
C VAL D 163 -4.32 -8.60 41.76
N SER D 164 -4.27 -9.45 42.78
CA SER D 164 -3.62 -10.76 42.71
C SER D 164 -4.60 -11.81 43.20
N TRP D 165 -4.22 -13.08 43.02
CA TRP D 165 -5.06 -14.21 43.42
C TRP D 165 -4.27 -15.14 44.32
N ASN D 166 -4.81 -15.40 45.51
CA ASN D 166 -4.18 -16.28 46.51
C ASN D 166 -2.76 -15.82 46.82
N SER D 167 -2.61 -14.52 47.08
CA SER D 167 -1.32 -13.92 47.43
C SER D 167 -0.31 -14.07 46.29
N GLY D 168 -0.80 -14.11 45.06
CA GLY D 168 0.05 -14.26 43.90
C GLY D 168 0.43 -15.68 43.55
N ALA D 169 0.05 -16.66 44.38
CA ALA D 169 0.38 -18.05 44.09
C ALA D 169 -0.39 -18.60 42.91
N LEU D 170 -1.52 -17.97 42.56
CA LEU D 170 -2.35 -18.40 41.43
C LEU D 170 -2.18 -17.38 40.31
N THR D 171 -1.53 -17.81 39.23
CA THR D 171 -1.31 -16.95 38.08
C THR D 171 -1.84 -17.52 36.78
N SER D 172 -2.05 -18.85 36.70
CA SER D 172 -2.51 -19.46 35.47
C SER D 172 -4.00 -19.19 35.27
N GLY D 173 -4.34 -18.61 34.13
CA GLY D 173 -5.72 -18.35 33.81
C GLY D 173 -6.27 -17.05 34.36
N VAL D 174 -5.42 -16.18 34.88
CA VAL D 174 -5.85 -14.91 35.46
C VAL D 174 -5.93 -13.87 34.34
N HIS D 175 -7.07 -13.19 34.26
CA HIS D 175 -7.24 -12.06 33.34
C HIS D 175 -7.73 -10.86 34.15
N THR D 176 -6.87 -9.88 34.33
CA THR D 176 -7.21 -8.63 35.00
C THR D 176 -7.44 -7.56 33.93
N PHE D 177 -8.71 -7.22 33.70
CA PHE D 177 -9.09 -6.27 32.68
C PHE D 177 -8.75 -4.84 33.09
N PRO D 178 -8.35 -4.02 32.13
CA PRO D 178 -8.10 -2.61 32.41
C PRO D 178 -9.35 -1.91 32.94
N ALA D 179 -9.11 -0.89 33.76
CA ALA D 179 -10.22 -0.17 34.39
C ALA D 179 -10.98 0.66 33.36
N VAL D 180 -12.29 0.70 33.52
CA VAL D 180 -13.18 1.49 32.67
C VAL D 180 -13.69 2.67 33.48
N LEU D 181 -13.51 3.87 32.96
CA LEU D 181 -13.96 5.07 33.65
C LEU D 181 -15.48 5.19 33.54
N GLN D 182 -16.11 5.53 34.66
CA GLN D 182 -17.56 5.67 34.74
C GLN D 182 -17.96 7.13 34.61
N SER D 183 -19.28 7.35 34.52
CA SER D 183 -19.81 8.70 34.40
C SER D 183 -19.63 9.51 35.67
N SER D 184 -19.52 8.84 36.82
CA SER D 184 -19.35 9.50 38.11
C SER D 184 -17.91 9.87 38.40
N GLY D 185 -17.00 9.71 37.43
CA GLY D 185 -15.60 10.01 37.63
C GLY D 185 -14.80 8.94 38.30
N LEU D 186 -15.43 7.86 38.75
CA LEU D 186 -14.76 6.74 39.41
C LEU D 186 -14.45 5.64 38.39
N TYR D 187 -13.52 4.76 38.78
CA TYR D 187 -13.09 3.66 37.93
C TYR D 187 -13.64 2.34 38.45
N SER D 188 -13.67 1.35 37.55
CA SER D 188 -14.17 0.02 37.90
C SER D 188 -13.60 -0.98 36.91
N LEU D 189 -12.83 -1.95 37.40
CA LEU D 189 -12.31 -3.03 36.59
C LEU D 189 -12.79 -4.36 37.16
N SER D 190 -12.33 -5.44 36.52
CA SER D 190 -12.68 -6.79 36.95
C SER D 190 -11.49 -7.69 36.69
N SER D 191 -11.32 -8.68 37.56
CA SER D 191 -10.28 -9.69 37.43
C SER D 191 -10.91 -11.06 37.60
N VAL D 192 -10.66 -11.94 36.63
CA VAL D 192 -11.22 -13.29 36.64
C VAL D 192 -10.08 -14.30 36.57
N VAL D 193 -10.42 -15.56 36.83
CA VAL D 193 -9.44 -16.64 36.78
C VAL D 193 -10.17 -17.92 36.40
N THR D 194 -9.51 -18.77 35.62
CA THR D 194 -10.05 -20.06 35.22
C THR D 194 -9.38 -21.16 36.02
N VAL D 195 -10.19 -22.01 36.67
CA VAL D 195 -9.68 -23.08 37.51
C VAL D 195 -10.40 -24.37 37.11
N PRO D 196 -9.81 -25.52 37.39
CA PRO D 196 -10.52 -26.79 37.18
C PRO D 196 -11.74 -26.88 38.08
N SER D 197 -12.75 -27.61 37.59
CA SER D 197 -13.99 -27.76 38.35
C SER D 197 -13.77 -28.51 39.66
N SER D 198 -12.77 -29.38 39.71
CA SER D 198 -12.57 -30.23 40.89
C SER D 198 -12.04 -29.44 42.08
N SER D 199 -11.33 -28.34 41.83
CA SER D 199 -10.70 -27.57 42.88
C SER D 199 -11.61 -26.49 43.44
N LEU D 200 -12.89 -26.46 43.05
CA LEU D 200 -13.79 -25.42 43.55
C LEU D 200 -14.07 -25.62 45.03
N GLY D 201 -14.55 -26.80 45.40
CA GLY D 201 -14.90 -27.10 46.78
C GLY D 201 -13.75 -27.46 47.69
N THR D 202 -12.51 -27.34 47.21
CA THR D 202 -11.35 -27.71 48.00
C THR D 202 -10.41 -26.52 48.20
N GLN D 203 -9.86 -25.97 47.13
CA GLN D 203 -8.91 -24.87 47.24
C GLN D 203 -9.62 -23.56 47.58
N THR D 204 -9.02 -22.77 48.46
CA THR D 204 -9.54 -21.47 48.82
C THR D 204 -9.07 -20.43 47.80
N TYR D 205 -10.02 -19.66 47.25
CA TYR D 205 -9.74 -18.64 46.25
C TYR D 205 -10.03 -17.27 46.86
N ILE D 206 -8.98 -16.46 47.00
CA ILE D 206 -9.07 -15.14 47.59
C ILE D 206 -8.42 -14.15 46.63
N CYS D 207 -9.16 -13.07 46.31
CA CYS D 207 -8.66 -12.03 45.42
CA CYS D 207 -8.68 -12.02 45.42
C CYS D 207 -8.17 -10.86 46.26
N ASN D 208 -6.90 -10.49 46.05
CA ASN D 208 -6.24 -9.45 46.85
C ASN D 208 -6.25 -8.15 46.06
N VAL D 209 -7.03 -7.18 46.54
CA VAL D 209 -7.13 -5.85 45.92
C VAL D 209 -6.40 -4.86 46.80
N ASN D 210 -5.61 -3.98 46.17
CA ASN D 210 -4.82 -3.00 46.90
C ASN D 210 -4.91 -1.67 46.17
N HIS D 211 -5.10 -0.60 46.95
CA HIS D 211 -5.26 0.76 46.41
C HIS D 211 -4.35 1.68 47.21
N LYS D 212 -3.20 2.01 46.62
CA LYS D 212 -2.19 2.81 47.34
C LYS D 212 -2.66 4.20 47.73
N PRO D 213 -3.26 5.01 46.85
CA PRO D 213 -3.59 6.39 47.25
C PRO D 213 -4.54 6.49 48.42
N SER D 214 -5.43 5.51 48.61
CA SER D 214 -6.35 5.51 49.74
C SER D 214 -5.96 4.53 50.82
N ASN D 215 -4.84 3.81 50.66
CA ASN D 215 -4.36 2.83 51.63
C ASN D 215 -5.41 1.76 51.92
N THR D 216 -6.15 1.38 50.89
CA THR D 216 -7.20 0.37 51.00
C THR D 216 -6.66 -0.97 50.54
N LYS D 217 -6.78 -1.98 51.40
CA LYS D 217 -6.32 -3.33 51.11
C LYS D 217 -7.42 -4.31 51.49
N VAL D 218 -7.96 -5.00 50.48
CA VAL D 218 -9.09 -5.89 50.67
C VAL D 218 -8.72 -7.28 50.17
N ASP D 219 -9.14 -8.30 50.90
CA ASP D 219 -8.99 -9.70 50.50
C ASP D 219 -10.37 -10.34 50.55
N LYS D 220 -10.95 -10.57 49.37
CA LYS D 220 -12.32 -11.08 49.28
C LYS D 220 -12.29 -12.57 48.97
N LYS D 221 -13.05 -13.34 49.73
CA LYS D 221 -13.16 -14.78 49.55
C LYS D 221 -14.24 -15.07 48.51
N VAL D 222 -13.86 -15.76 47.44
CA VAL D 222 -14.78 -16.10 46.36
C VAL D 222 -15.20 -17.55 46.53
N GLU D 223 -16.44 -17.77 46.95
CA GLU D 223 -16.96 -19.10 47.20
C GLU D 223 -18.14 -19.41 46.28
N PRO D 224 -18.24 -20.63 45.77
CA PRO D 224 -19.35 -20.96 44.86
C PRO D 224 -20.68 -20.93 45.60
N LYS D 225 -21.62 -20.20 45.04
CA LYS D 225 -22.96 -20.04 45.62
C LYS D 225 -23.88 -21.13 45.10
N SER D 226 -24.70 -21.68 46.00
CA SER D 226 -25.73 -22.65 45.65
C SER D 226 -27.04 -22.19 46.26
N CYS D 227 -28.07 -22.04 45.41
CA CYS D 227 -29.38 -21.62 45.87
C CYS D 227 -30.45 -22.02 44.87
N ASN E 1 30.24 1.12 -9.38
CA ASN E 1 29.11 1.07 -10.29
C ASN E 1 29.51 1.54 -11.69
N TRP E 2 29.01 0.86 -12.71
CA TRP E 2 29.33 1.22 -14.09
C TRP E 2 28.79 2.60 -14.45
N PHE E 3 27.56 2.91 -14.02
CA PHE E 3 26.93 4.18 -14.34
C PHE E 3 27.61 5.36 -13.66
N ASP E 4 28.57 5.12 -12.78
CA ASP E 4 29.39 6.18 -12.22
C ASP E 4 30.60 6.51 -13.09
N ILE E 5 31.05 5.56 -13.93
CA ILE E 5 32.24 5.79 -14.74
C ILE E 5 32.07 7.04 -15.59
N THR E 6 30.93 7.16 -16.28
CA THR E 6 30.66 8.31 -17.13
C THR E 6 30.70 9.62 -16.37
N ASN E 7 30.49 9.61 -15.06
CA ASN E 7 30.63 10.83 -14.28
C ASN E 7 32.08 11.10 -13.92
N TRP E 8 32.85 10.04 -13.61
CA TRP E 8 34.26 10.23 -13.30
C TRP E 8 35.01 10.80 -14.50
N LEU E 9 34.67 10.34 -15.71
CA LEU E 9 35.24 10.92 -16.92
C LEU E 9 34.99 12.41 -16.99
N TRP E 10 33.84 12.87 -16.48
CA TRP E 10 33.56 14.31 -16.53
C TRP E 10 34.45 15.08 -15.56
N TYR E 11 34.90 14.43 -14.48
CA TYR E 11 35.64 15.14 -13.44
C TYR E 11 37.00 15.59 -13.96
N ILE E 12 37.91 14.65 -14.19
CA ILE E 12 39.25 14.98 -14.65
C ILE E 12 39.24 15.75 -15.96
N LYS E 13 38.16 15.65 -16.74
CA LYS E 13 38.04 16.44 -17.95
C LYS E 13 37.88 17.92 -17.63
N LYS E 14 37.02 18.25 -16.67
CA LYS E 14 36.69 19.64 -16.37
C LYS E 14 37.31 20.16 -15.09
N LYS E 15 37.67 19.30 -14.14
CA LYS E 15 38.29 19.74 -12.90
C LYS E 15 39.77 20.06 -13.10
N ASN F 1 17.67 23.14 11.80
CA ASN F 1 16.57 23.59 12.67
C ASN F 1 16.98 23.49 14.14
N TRP F 2 15.99 23.45 15.03
CA TRP F 2 16.28 23.41 16.46
C TRP F 2 16.89 22.08 16.87
N PHE F 3 16.60 20.99 16.13
CA PHE F 3 17.16 19.69 16.45
C PHE F 3 18.59 19.54 15.95
N ASP F 4 19.12 20.50 15.21
CA ASP F 4 20.51 20.48 14.79
C ASP F 4 21.42 21.28 15.71
N ILE F 5 20.85 22.13 16.58
CA ILE F 5 21.66 22.94 17.49
C ILE F 5 22.58 22.05 18.31
N THR F 6 22.01 21.03 18.95
CA THR F 6 22.79 20.14 19.78
C THR F 6 23.93 19.49 19.00
N ASN F 7 23.76 19.33 17.68
CA ASN F 7 24.85 18.78 16.87
C ASN F 7 25.92 19.83 16.62
N TRP F 8 25.53 21.06 16.31
CA TRP F 8 26.52 22.12 16.15
C TRP F 8 27.27 22.35 17.46
N LEU F 9 26.54 22.36 18.58
CA LEU F 9 27.14 22.41 19.90
C LEU F 9 28.25 21.37 20.06
N TRP F 10 28.12 20.23 19.37
CA TRP F 10 29.15 19.21 19.48
C TRP F 10 30.39 19.59 18.69
N TYR F 11 30.21 20.09 17.47
CA TYR F 11 31.36 20.38 16.61
C TYR F 11 32.27 21.41 17.25
N ILE F 12 31.71 22.54 17.68
CA ILE F 12 32.49 23.56 18.37
C ILE F 12 33.13 22.99 19.62
N LYS F 13 32.48 22.01 20.26
CA LYS F 13 33.07 21.40 21.45
C LYS F 13 34.25 20.49 21.09
N LYS F 14 34.21 19.87 19.91
CA LYS F 14 35.26 18.96 19.49
C LYS F 14 36.39 19.65 18.74
N LYS F 15 36.14 20.83 18.18
CA LYS F 15 37.16 21.57 17.44
C LYS F 15 38.15 22.23 18.39
#